data_5EHQ
#
_entry.id   5EHQ
#
_cell.length_a   79.820
_cell.length_b   113.160
_cell.length_c   225.920
_cell.angle_alpha   90.00
_cell.angle_beta   90.00
_cell.angle_gamma   90.00
#
_symmetry.space_group_name_H-M   'P 21 21 21'
#
loop_
_entity.id
_entity.type
_entity.pdbx_description
1 polymer Acetylcholinesterase
2 branched alpha-L-fucopyranose-(1-6)-2-acetamido-2-deoxy-beta-D-glucopyranose
3 branched 2-acetamido-2-deoxy-beta-D-glucopyranose-(1-4)-[alpha-L-fucopyranose-(1-6)]2-acetamido-2-deoxy-beta-D-glucopyranose
4 non-polymer 2-acetamido-2-deoxy-beta-D-glucopyranose
5 non-polymer 6-phenyl-5-[5-[1-[2-(1,2,3,4-tetrahydroacridin-9-ylamino)ethyl]-1,2,3-triazol-4-yl]pentyl]phenanthridin-5-ium-3,8-diamine
6 non-polymer 'HEXAETHYLENE GLYCOL'
7 water water
#
_entity_poly.entity_id   1
_entity_poly.type   'polypeptide(L)'
_entity_poly.pdbx_seq_one_letter_code
;EGREDPQLLVRVRGGQLRGIRLKAPGGPVSAFLGIPFAEPPVGSRRFMPPEPKRPWSGVLDATTFQNVCYQYVDTLYPGF
EGTEMWNPNRELSEDCLYLNVWTPYPRPASPTPVLIWIYGGGFYSGAASLDVYDGRFLAQVEGAVLVSMNYRVGTFGFLA
LPGSREAPGNVGLLDQRLALQWVQENIAAFGGDPMSVTLFGESAGAASVGMHILSLPSRSLFHRAVLQSGTPNGPWATVS
AGEARRRATLLARLVGCPPGGAGGNDTELIACLRTRPAQDLVDHEWHVLPQESIFRFSFVPVVDGDFLSDTPEALINTGD
FQDLQVLVGVVKDEGSYFLVYGVPGFSKDNESLISRAQFLAGVRIGVPQASDLAAEAVVLHYTDWLHPEDPTHLRDAMSA
VVGDHNVVCPVAQLAGRLAAQGARVYAYIFEHRASTLTWPLWMGVPHGYEIEFIFGLPLDPSLNYTTEERIFAQRLMKYW
TNFARTGDPNDPRDSKSPQWPPYTTAAQQYVSLNLKPLEVRRGLRAQTCAFWNRFLPKLLSAT
;
_entity_poly.pdbx_strand_id   A,B
#
# COMPACT_ATOMS: atom_id res chain seq x y z
N GLU A 1 -6.96 18.61 -66.98
CA GLU A 1 -7.79 17.48 -66.52
C GLU A 1 -8.70 17.00 -67.66
N GLY A 2 -9.68 16.17 -67.33
CA GLY A 2 -10.64 15.68 -68.31
C GLY A 2 -10.73 14.17 -68.41
N ARG A 3 -9.58 13.50 -68.25
CA ARG A 3 -9.46 12.04 -68.29
C ARG A 3 -9.25 11.41 -66.91
N GLU A 4 -9.05 12.24 -65.86
CA GLU A 4 -8.83 11.78 -64.49
C GLU A 4 -10.14 11.39 -63.80
N ASP A 5 -10.06 10.69 -62.64
CA ASP A 5 -11.22 10.27 -61.85
C ASP A 5 -11.80 11.51 -61.17
N PRO A 6 -13.00 11.98 -61.57
CA PRO A 6 -13.58 13.19 -60.96
C PRO A 6 -13.79 13.16 -59.44
N GLN A 7 -13.69 11.98 -58.81
CA GLN A 7 -13.83 11.87 -57.36
C GLN A 7 -12.51 12.21 -56.64
N LEU A 8 -11.42 12.39 -57.40
CA LEU A 8 -10.09 12.60 -56.82
C LEU A 8 -9.57 14.02 -56.95
N LEU A 9 -10.42 14.93 -57.47
CA LEU A 9 -10.04 16.35 -57.66
C LEU A 9 -10.85 17.22 -56.72
N VAL A 10 -10.11 17.83 -55.77
CA VAL A 10 -10.58 18.69 -54.69
C VAL A 10 -9.74 19.97 -54.67
N ARG A 11 -10.38 21.10 -54.30
CA ARG A 11 -9.73 22.38 -54.08
C ARG A 11 -9.75 22.64 -52.56
N VAL A 12 -8.63 23.13 -52.00
CA VAL A 12 -8.48 23.61 -50.61
C VAL A 12 -8.06 25.10 -50.67
N ARG A 13 -7.98 25.80 -49.55
CA ARG A 13 -7.58 27.23 -49.49
C ARG A 13 -6.24 27.52 -50.23
N GLY A 14 -5.37 26.51 -50.26
CA GLY A 14 -4.04 26.59 -50.83
C GLY A 14 -3.97 26.39 -52.32
N GLY A 15 -4.98 25.72 -52.85
CA GLY A 15 -5.09 25.43 -54.28
C GLY A 15 -5.69 24.08 -54.59
N GLN A 16 -5.39 23.53 -55.77
CA GLN A 16 -5.92 22.26 -56.23
C GLN A 16 -5.11 21.04 -55.85
N LEU A 17 -5.82 19.93 -55.55
CA LEU A 17 -5.20 18.66 -55.17
C LEU A 17 -5.72 17.52 -55.99
N ARG A 18 -4.86 16.53 -56.19
CA ARG A 18 -5.23 15.26 -56.83
C ARG A 18 -4.89 14.15 -55.84
N GLY A 19 -5.92 13.46 -55.38
CA GLY A 19 -5.76 12.30 -54.50
C GLY A 19 -5.66 11.02 -55.30
N ILE A 20 -5.70 9.90 -54.57
CA ILE A 20 -5.64 8.54 -55.11
C ILE A 20 -6.77 7.65 -54.56
N ARG A 21 -7.31 6.81 -55.43
CA ARG A 21 -8.35 5.84 -55.09
C ARG A 21 -7.61 4.59 -54.55
N LEU A 22 -7.75 4.32 -53.25
CA LEU A 22 -7.10 3.18 -52.62
C LEU A 22 -8.06 2.02 -52.44
N LYS A 23 -7.52 0.80 -52.33
CA LYS A 23 -8.33 -0.39 -52.08
C LYS A 23 -8.28 -0.72 -50.58
N ALA A 24 -9.46 -0.77 -49.97
CA ALA A 24 -9.67 -1.19 -48.60
C ALA A 24 -10.37 -2.55 -48.77
N PRO A 25 -10.37 -3.47 -47.77
CA PRO A 25 -11.01 -4.78 -47.97
C PRO A 25 -12.43 -4.75 -48.56
N GLY A 26 -13.29 -3.91 -48.00
CA GLY A 26 -14.70 -3.78 -48.36
C GLY A 26 -15.04 -2.92 -49.55
N GLY A 27 -14.05 -2.20 -50.09
CA GLY A 27 -14.26 -1.33 -51.24
C GLY A 27 -13.28 -0.17 -51.30
N PRO A 28 -13.46 0.77 -52.26
CA PRO A 28 -12.49 1.87 -52.37
C PRO A 28 -12.66 3.01 -51.38
N VAL A 29 -11.56 3.77 -51.17
CA VAL A 29 -11.47 4.96 -50.34
C VAL A 29 -10.70 6.04 -51.10
N SER A 30 -11.03 7.32 -50.83
CA SER A 30 -10.29 8.43 -51.42
C SER A 30 -9.13 8.75 -50.42
N ALA A 31 -7.92 8.99 -50.92
CA ALA A 31 -6.81 9.40 -50.08
C ALA A 31 -6.10 10.63 -50.67
N PHE A 32 -5.88 11.63 -49.84
CA PHE A 32 -5.19 12.86 -50.17
C PHE A 32 -4.01 12.94 -49.22
N LEU A 33 -2.87 12.41 -49.68
CA LEU A 33 -1.65 12.26 -48.87
C LEU A 33 -0.61 13.30 -49.20
N GLY A 34 0.07 13.82 -48.18
CA GLY A 34 1.09 14.84 -48.40
C GLY A 34 0.62 16.23 -48.72
N ILE A 35 -0.54 16.65 -48.18
CA ILE A 35 -1.07 18.01 -48.38
C ILE A 35 -0.21 18.95 -47.51
N PRO A 36 0.47 19.97 -48.06
CA PRO A 36 1.24 20.88 -47.19
C PRO A 36 0.30 21.80 -46.38
N PHE A 37 0.53 21.93 -45.07
CA PHE A 37 -0.31 22.81 -44.27
C PHE A 37 0.45 24.02 -43.75
N ALA A 38 1.79 23.97 -43.83
CA ALA A 38 2.69 25.04 -43.41
C ALA A 38 3.84 25.32 -44.39
N GLU A 39 4.46 26.49 -44.23
CA GLU A 39 5.66 26.81 -44.99
C GLU A 39 6.76 25.88 -44.46
N PRO A 40 7.59 25.23 -45.33
CA PRO A 40 8.64 24.31 -44.80
C PRO A 40 9.46 24.95 -43.67
N PRO A 41 9.46 24.41 -42.43
CA PRO A 41 10.17 25.08 -41.32
C PRO A 41 11.68 24.85 -41.32
N VAL A 42 12.33 25.30 -42.39
CA VAL A 42 13.76 25.14 -42.67
C VAL A 42 14.51 26.50 -42.57
N GLY A 43 15.83 26.42 -42.49
CA GLY A 43 16.70 27.58 -42.40
C GLY A 43 16.45 28.38 -41.14
N SER A 44 16.11 29.67 -41.35
CA SER A 44 15.81 30.67 -40.31
C SER A 44 14.51 30.33 -39.57
N ARG A 45 13.68 29.46 -40.18
CA ARG A 45 12.41 29.03 -39.61
C ARG A 45 12.57 27.87 -38.64
N ARG A 46 13.79 27.26 -38.55
CA ARG A 46 14.02 26.18 -37.59
C ARG A 46 13.81 26.73 -36.18
N PHE A 47 13.09 25.96 -35.32
CA PHE A 47 12.69 26.30 -33.94
C PHE A 47 11.59 27.39 -33.86
N MET A 48 11.18 27.94 -35.00
CA MET A 48 10.15 28.96 -35.05
C MET A 48 8.74 28.38 -35.19
N PRO A 49 7.71 29.12 -34.70
CA PRO A 49 6.32 28.67 -34.90
C PRO A 49 6.02 28.46 -36.39
N PRO A 50 5.12 27.51 -36.74
CA PRO A 50 4.82 27.30 -38.16
C PRO A 50 4.09 28.50 -38.75
N GLU A 51 4.35 28.75 -40.04
CA GLU A 51 3.66 29.79 -40.82
C GLU A 51 2.71 29.05 -41.76
N PRO A 52 1.47 29.53 -41.95
CA PRO A 52 0.56 28.88 -42.92
C PRO A 52 1.18 28.76 -44.32
N LYS A 53 1.00 27.58 -44.99
CA LYS A 53 1.51 27.32 -46.35
C LYS A 53 0.88 28.31 -47.31
N ARG A 54 1.71 29.00 -48.15
CA ARG A 54 1.25 29.98 -49.12
C ARG A 54 0.58 29.24 -50.26
N PRO A 55 -0.47 29.80 -50.91
CA PRO A 55 -1.12 29.09 -52.02
C PRO A 55 -0.16 28.70 -53.14
N TRP A 56 -0.38 27.51 -53.73
CA TRP A 56 0.43 27.00 -54.84
C TRP A 56 -0.35 27.09 -56.15
N SER A 57 0.34 26.93 -57.29
CA SER A 57 -0.35 26.93 -58.57
C SER A 57 -0.38 25.52 -59.15
N GLY A 58 -1.39 25.25 -59.98
CA GLY A 58 -1.61 23.96 -60.60
C GLY A 58 -2.23 22.97 -59.64
N VAL A 59 -2.26 21.71 -60.06
CA VAL A 59 -2.85 20.63 -59.26
C VAL A 59 -1.70 19.94 -58.55
N LEU A 60 -1.62 20.18 -57.23
CA LEU A 60 -0.63 19.56 -56.37
C LEU A 60 -0.95 18.09 -56.28
N ASP A 61 0.07 17.25 -56.46
CA ASP A 61 -0.08 15.81 -56.39
C ASP A 61 -0.10 15.32 -54.92
N ALA A 62 -1.25 14.79 -54.48
CA ALA A 62 -1.45 14.30 -53.13
C ALA A 62 -1.76 12.77 -53.13
N THR A 63 -0.91 12.00 -53.85
CA THR A 63 -1.09 10.57 -54.00
C THR A 63 -0.12 9.73 -53.20
N THR A 64 0.91 10.36 -52.60
CA THR A 64 1.94 9.67 -51.81
C THR A 64 2.23 10.38 -50.50
N PHE A 65 2.70 9.62 -49.50
CA PHE A 65 3.10 10.18 -48.23
C PHE A 65 4.31 11.05 -48.44
N GLN A 66 4.36 12.13 -47.68
CA GLN A 66 5.46 13.06 -47.69
C GLN A 66 6.51 12.69 -46.66
N ASN A 67 7.56 13.52 -46.59
CA ASN A 67 8.68 13.32 -45.67
C ASN A 67 8.26 13.32 -44.23
N VAL A 68 8.96 12.47 -43.51
CA VAL A 68 8.90 12.26 -42.08
C VAL A 68 9.82 13.32 -41.47
N CYS A 69 9.34 14.00 -40.40
CA CYS A 69 10.11 15.01 -39.66
C CYS A 69 11.44 14.45 -39.15
N TYR A 70 12.53 15.26 -39.21
CA TYR A 70 13.85 14.80 -38.78
C TYR A 70 13.80 14.27 -37.36
N GLN A 71 14.27 13.02 -37.18
CA GLN A 71 14.24 12.31 -35.92
C GLN A 71 15.28 11.18 -35.82
N TYR A 72 15.52 10.73 -34.57
CA TYR A 72 16.38 9.63 -34.21
C TYR A 72 15.76 8.33 -34.73
N VAL A 73 16.59 7.47 -35.32
CA VAL A 73 16.13 6.17 -35.83
C VAL A 73 16.61 5.06 -34.91
N ASP A 74 15.64 4.30 -34.38
CA ASP A 74 15.89 3.21 -33.44
C ASP A 74 16.60 2.03 -34.09
N THR A 75 17.75 1.70 -33.50
CA THR A 75 18.66 0.66 -33.93
C THR A 75 18.89 -0.37 -32.81
N LEU A 76 17.92 -0.51 -31.87
CA LEU A 76 18.05 -1.47 -30.76
C LEU A 76 18.09 -2.92 -31.25
N TYR A 77 17.08 -3.30 -32.04
CA TYR A 77 16.97 -4.63 -32.63
C TYR A 77 16.87 -4.43 -34.16
N PRO A 78 18.03 -4.34 -34.85
CA PRO A 78 18.01 -4.04 -36.30
C PRO A 78 17.41 -5.15 -37.15
N GLY A 79 16.43 -4.77 -37.99
CA GLY A 79 15.67 -5.66 -38.86
C GLY A 79 14.47 -6.32 -38.21
N PHE A 80 14.32 -6.17 -36.87
CA PHE A 80 13.21 -6.74 -36.11
C PHE A 80 11.94 -5.92 -36.31
N GLU A 81 10.87 -6.58 -36.76
CA GLU A 81 9.55 -5.99 -37.03
C GLU A 81 9.02 -5.18 -35.86
N GLY A 82 9.20 -5.70 -34.63
CA GLY A 82 8.75 -5.06 -33.40
C GLY A 82 9.25 -3.64 -33.21
N THR A 83 10.49 -3.34 -33.63
CA THR A 83 11.06 -2.00 -33.53
C THR A 83 10.86 -1.21 -34.87
N GLU A 84 11.17 -1.87 -35.99
CA GLU A 84 11.08 -1.31 -37.33
C GLU A 84 9.74 -0.70 -37.72
N MET A 85 8.64 -1.26 -37.22
CA MET A 85 7.29 -0.79 -37.55
C MET A 85 6.98 0.66 -37.07
N TRP A 86 7.76 1.14 -36.12
CA TRP A 86 7.62 2.43 -35.48
C TRP A 86 8.57 3.45 -36.11
N ASN A 87 9.54 2.96 -36.93
CA ASN A 87 10.61 3.71 -37.56
C ASN A 87 10.16 4.43 -38.81
N PRO A 88 10.82 5.58 -39.17
CA PRO A 88 10.40 6.30 -40.40
C PRO A 88 10.33 5.42 -41.62
N ASN A 89 9.24 5.55 -42.40
CA ASN A 89 8.98 4.80 -43.61
C ASN A 89 9.09 5.70 -44.84
N ARG A 90 9.48 6.96 -44.64
CA ARG A 90 9.75 7.90 -45.74
C ARG A 90 11.03 8.64 -45.41
N GLU A 91 11.54 9.38 -46.39
CA GLU A 91 12.76 10.17 -46.25
C GLU A 91 12.64 11.16 -45.09
N LEU A 92 13.72 11.29 -44.31
CA LEU A 92 13.78 12.24 -43.22
C LEU A 92 14.07 13.61 -43.81
N SER A 93 13.36 14.63 -43.33
CA SER A 93 13.52 16.00 -43.78
C SER A 93 12.91 16.93 -42.79
N GLU A 94 13.47 18.12 -42.71
CA GLU A 94 12.98 19.23 -41.90
C GLU A 94 11.74 19.85 -42.59
N ASP A 95 11.56 19.54 -43.88
CA ASP A 95 10.43 19.95 -44.71
C ASP A 95 9.52 18.75 -44.64
N CYS A 96 8.64 18.76 -43.65
CA CYS A 96 7.80 17.65 -43.26
C CYS A 96 6.38 18.02 -42.83
N LEU A 97 6.04 19.32 -42.86
CA LEU A 97 4.74 19.79 -42.39
C LEU A 97 3.60 19.54 -43.42
N TYR A 98 3.22 18.27 -43.50
CA TYR A 98 2.18 17.77 -44.41
C TYR A 98 1.15 16.96 -43.66
N LEU A 99 -0.07 16.93 -44.20
CA LEU A 99 -1.14 16.16 -43.61
C LEU A 99 -1.79 15.21 -44.62
N ASN A 100 -2.48 14.21 -44.11
CA ASN A 100 -3.17 13.20 -44.91
C ASN A 100 -4.65 13.20 -44.58
N VAL A 101 -5.49 12.91 -45.59
CA VAL A 101 -6.95 12.85 -45.46
C VAL A 101 -7.45 11.57 -46.15
N TRP A 102 -8.24 10.74 -45.44
CA TRP A 102 -8.93 9.57 -46.00
C TRP A 102 -10.43 9.84 -45.86
N THR A 103 -11.18 9.63 -46.94
CA THR A 103 -12.62 9.83 -46.97
C THR A 103 -13.23 8.65 -47.70
N PRO A 104 -14.53 8.36 -47.48
CA PRO A 104 -15.19 7.31 -48.27
C PRO A 104 -15.16 7.63 -49.76
N TYR A 105 -15.20 6.60 -50.59
CA TYR A 105 -15.25 6.73 -52.04
C TYR A 105 -16.57 6.14 -52.51
N PRO A 106 -17.48 6.93 -53.13
CA PRO A 106 -17.40 8.37 -53.40
C PRO A 106 -17.48 9.20 -52.11
N ARG A 107 -17.02 10.46 -52.16
CA ARG A 107 -17.06 11.35 -50.99
C ARG A 107 -18.47 11.48 -50.41
N PRO A 108 -18.60 11.57 -49.09
CA PRO A 108 -19.95 11.66 -48.49
C PRO A 108 -20.76 12.87 -49.00
N ALA A 109 -22.06 12.68 -49.19
CA ALA A 109 -22.97 13.75 -49.67
C ALA A 109 -23.31 14.75 -48.54
N SER A 110 -23.29 14.27 -47.30
CA SER A 110 -23.61 15.06 -46.10
C SER A 110 -22.36 15.23 -45.20
N PRO A 111 -22.28 16.35 -44.42
CA PRO A 111 -21.13 16.55 -43.51
C PRO A 111 -20.92 15.37 -42.54
N THR A 112 -19.72 14.79 -42.60
CA THR A 112 -19.33 13.61 -41.85
C THR A 112 -18.44 13.91 -40.66
N PRO A 113 -18.65 13.27 -39.49
CA PRO A 113 -17.72 13.47 -38.36
C PRO A 113 -16.27 13.18 -38.77
N VAL A 114 -15.37 14.06 -38.30
CA VAL A 114 -13.93 14.03 -38.58
C VAL A 114 -13.15 13.47 -37.40
N LEU A 115 -12.22 12.56 -37.69
CA LEU A 115 -11.31 12.00 -36.70
C LEU A 115 -9.89 12.45 -37.06
N ILE A 116 -9.23 13.16 -36.13
CA ILE A 116 -7.86 13.63 -36.31
C ILE A 116 -6.91 12.86 -35.43
N TRP A 117 -6.01 12.09 -36.06
CA TRP A 117 -4.98 11.30 -35.39
C TRP A 117 -3.70 12.11 -35.14
N ILE A 118 -3.18 12.04 -33.90
CA ILE A 118 -1.91 12.67 -33.49
C ILE A 118 -1.01 11.53 -33.04
N TYR A 119 0.03 11.17 -33.80
CA TYR A 119 0.92 10.04 -33.43
C TYR A 119 1.73 10.29 -32.15
N GLY A 120 2.21 9.19 -31.54
CA GLY A 120 3.11 9.18 -30.40
C GLY A 120 4.55 8.95 -30.86
N GLY A 121 5.43 8.72 -29.89
CA GLY A 121 6.87 8.54 -30.09
C GLY A 121 7.71 9.49 -29.25
N GLY A 122 7.26 9.70 -27.99
CA GLY A 122 7.89 10.53 -26.96
C GLY A 122 8.28 11.95 -27.34
N PHE A 123 7.58 12.56 -28.31
CA PHE A 123 7.86 13.88 -28.90
C PHE A 123 9.24 13.91 -29.56
N TYR A 124 9.85 12.75 -29.82
CA TYR A 124 11.18 12.69 -30.45
C TYR A 124 11.13 11.96 -31.79
N SER A 125 10.05 11.20 -31.99
CA SER A 125 9.83 10.38 -33.16
C SER A 125 8.35 10.29 -33.50
N GLY A 126 8.08 9.59 -34.60
CA GLY A 126 6.77 9.34 -35.15
C GLY A 126 6.62 9.90 -36.54
N ALA A 127 5.55 9.49 -37.21
CA ALA A 127 5.17 9.90 -38.57
C ALA A 127 3.75 9.46 -38.78
N ALA A 128 2.96 10.23 -39.57
CA ALA A 128 1.54 9.90 -39.82
C ALA A 128 1.34 8.86 -40.97
N SER A 129 2.46 8.43 -41.57
CA SER A 129 2.60 7.52 -42.70
C SER A 129 2.78 6.06 -42.30
N LEU A 130 2.94 5.79 -41.01
CA LEU A 130 3.14 4.43 -40.49
C LEU A 130 1.95 3.55 -40.77
N ASP A 131 2.19 2.30 -41.21
CA ASP A 131 1.13 1.34 -41.52
C ASP A 131 0.00 1.25 -40.49
N VAL A 132 0.30 1.27 -39.19
CA VAL A 132 -0.72 1.17 -38.13
C VAL A 132 -1.61 2.42 -37.98
N TYR A 133 -1.27 3.51 -38.69
CA TYR A 133 -2.05 4.75 -38.66
C TYR A 133 -2.88 4.90 -39.94
N ASP A 134 -2.99 3.82 -40.75
CA ASP A 134 -3.71 3.80 -42.03
C ASP A 134 -5.22 4.06 -41.82
N GLY A 135 -5.71 5.19 -42.34
CA GLY A 135 -7.10 5.60 -42.18
C GLY A 135 -8.11 4.95 -43.10
N ARG A 136 -7.63 4.09 -44.03
CA ARG A 136 -8.50 3.50 -45.06
C ARG A 136 -9.65 2.65 -44.52
N PHE A 137 -9.42 1.88 -43.44
CA PHE A 137 -10.44 1.01 -42.86
C PHE A 137 -11.54 1.78 -42.18
N LEU A 138 -11.17 2.77 -41.39
CA LEU A 138 -12.13 3.62 -40.67
C LEU A 138 -13.01 4.39 -41.63
N ALA A 139 -12.40 4.92 -42.70
CA ALA A 139 -13.07 5.62 -43.80
C ALA A 139 -14.02 4.71 -44.56
N GLN A 140 -13.54 3.53 -44.98
CA GLN A 140 -14.36 2.57 -45.72
C GLN A 140 -15.49 1.96 -44.89
N VAL A 141 -15.14 1.36 -43.76
CA VAL A 141 -16.08 0.61 -42.91
C VAL A 141 -17.01 1.51 -42.12
N GLU A 142 -16.51 2.61 -41.56
CA GLU A 142 -17.34 3.49 -40.72
C GLU A 142 -17.78 4.78 -41.40
N GLY A 143 -17.34 5.01 -42.63
CA GLY A 143 -17.70 6.20 -43.40
C GLY A 143 -17.15 7.48 -42.80
N ALA A 144 -15.99 7.39 -42.12
CA ALA A 144 -15.38 8.52 -41.44
C ALA A 144 -14.38 9.29 -42.30
N VAL A 145 -14.24 10.59 -42.00
CA VAL A 145 -13.23 11.41 -42.62
C VAL A 145 -12.07 11.39 -41.59
N LEU A 146 -10.96 10.76 -41.99
CA LEU A 146 -9.83 10.60 -41.11
C LEU A 146 -8.64 11.47 -41.56
N VAL A 147 -8.15 12.34 -40.65
CA VAL A 147 -7.04 13.26 -40.91
C VAL A 147 -5.90 12.91 -39.97
N SER A 148 -4.65 12.92 -40.48
CA SER A 148 -3.43 12.73 -39.68
C SER A 148 -2.37 13.68 -40.21
N MET A 149 -1.60 14.27 -39.31
CA MET A 149 -0.57 15.24 -39.69
C MET A 149 0.78 14.90 -39.09
N ASN A 150 1.82 15.44 -39.74
CA ASN A 150 3.18 15.38 -39.24
C ASN A 150 3.41 16.66 -38.47
N TYR A 151 4.05 16.55 -37.31
CA TYR A 151 4.45 17.69 -36.49
C TYR A 151 5.92 17.46 -36.14
N ARG A 152 6.67 18.54 -35.96
CA ARG A 152 8.08 18.49 -35.66
C ARG A 152 8.32 17.88 -34.31
N VAL A 153 9.28 16.96 -34.28
CA VAL A 153 9.67 16.22 -33.07
C VAL A 153 11.13 16.55 -32.73
N GLY A 154 11.53 16.20 -31.50
CA GLY A 154 12.88 16.39 -30.98
C GLY A 154 13.22 17.84 -30.81
N THR A 155 14.49 18.17 -31.10
CA THR A 155 14.98 19.54 -30.99
C THR A 155 14.16 20.45 -31.88
N PHE A 156 13.86 20.00 -33.12
CA PHE A 156 13.12 20.76 -34.12
C PHE A 156 11.73 21.16 -33.68
N GLY A 157 11.04 20.31 -32.94
CA GLY A 157 9.70 20.66 -32.49
C GLY A 157 9.62 21.23 -31.09
N PHE A 158 10.62 20.94 -30.23
CA PHE A 158 10.49 21.29 -28.82
C PHE A 158 11.72 21.87 -28.11
N LEU A 159 12.86 22.10 -28.82
CA LEU A 159 13.98 22.82 -28.21
C LEU A 159 13.51 24.27 -27.98
N ALA A 160 13.60 24.73 -26.75
CA ALA A 160 13.15 26.06 -26.32
C ALA A 160 14.15 26.81 -25.48
N LEU A 161 14.21 28.12 -25.67
CA LEU A 161 14.99 29.01 -24.80
C LEU A 161 13.91 29.96 -24.32
N PRO A 162 13.17 29.51 -23.26
CA PRO A 162 11.94 30.20 -22.86
C PRO A 162 12.08 31.71 -22.67
N GLY A 163 11.19 32.44 -23.32
CA GLY A 163 11.19 33.89 -23.27
C GLY A 163 11.76 34.50 -24.52
N SER A 164 12.49 33.70 -25.32
CA SER A 164 13.07 34.17 -26.57
C SER A 164 12.01 34.19 -27.67
N ARG A 165 12.29 34.92 -28.75
CA ARG A 165 11.39 35.05 -29.89
C ARG A 165 11.71 33.96 -30.94
N GLU A 166 13.00 33.63 -31.08
CA GLU A 166 13.59 32.71 -32.05
C GLU A 166 13.38 31.21 -31.72
N ALA A 167 13.28 30.85 -30.43
CA ALA A 167 13.03 29.49 -29.96
C ALA A 167 12.07 29.51 -28.74
N PRO A 168 10.76 29.83 -28.95
CA PRO A 168 9.86 29.93 -27.78
C PRO A 168 9.43 28.58 -27.16
N GLY A 169 9.62 27.49 -27.92
CA GLY A 169 9.23 26.15 -27.53
C GLY A 169 7.80 25.84 -27.88
N ASN A 170 7.43 24.53 -27.82
CA ASN A 170 6.09 24.00 -28.11
C ASN A 170 5.69 24.15 -29.57
N VAL A 171 6.67 24.35 -30.48
CA VAL A 171 6.37 24.61 -31.93
C VAL A 171 5.79 23.37 -32.58
N GLY A 172 6.16 22.19 -32.08
CA GLY A 172 5.55 20.95 -32.57
C GLY A 172 4.06 20.87 -32.25
N LEU A 173 3.64 21.48 -31.12
CA LEU A 173 2.25 21.56 -30.71
C LEU A 173 1.53 22.58 -31.56
N LEU A 174 2.26 23.64 -31.98
CA LEU A 174 1.74 24.65 -32.88
C LEU A 174 1.54 24.11 -34.27
N ASP A 175 2.43 23.19 -34.73
CA ASP A 175 2.28 22.52 -36.04
C ASP A 175 0.94 21.77 -36.04
N GLN A 176 0.66 21.02 -34.94
CA GLN A 176 -0.59 20.30 -34.71
C GLN A 176 -1.78 21.28 -34.70
N ARG A 177 -1.67 22.41 -33.97
CA ARG A 177 -2.72 23.43 -33.95
C ARG A 177 -2.99 24.00 -35.36
N LEU A 178 -1.94 24.17 -36.18
CA LEU A 178 -2.10 24.67 -37.54
C LEU A 178 -2.85 23.67 -38.43
N ALA A 179 -2.58 22.34 -38.27
CA ALA A 179 -3.28 21.29 -39.02
C ALA A 179 -4.76 21.26 -38.58
N LEU A 180 -5.04 21.55 -37.27
CA LEU A 180 -6.42 21.63 -36.78
C LEU A 180 -7.17 22.81 -37.39
N GLN A 181 -6.48 23.97 -37.57
CA GLN A 181 -7.07 25.15 -38.24
C GLN A 181 -7.34 24.84 -39.71
N TRP A 182 -6.40 24.11 -40.37
CA TRP A 182 -6.51 23.68 -41.75
C TRP A 182 -7.77 22.86 -41.93
N VAL A 183 -8.06 21.96 -40.96
CA VAL A 183 -9.23 21.10 -40.97
C VAL A 183 -10.48 21.98 -40.88
N GLN A 184 -10.54 22.92 -39.92
CA GLN A 184 -11.67 23.87 -39.80
C GLN A 184 -11.99 24.58 -41.09
N GLU A 185 -10.92 25.00 -41.79
CA GLU A 185 -11.20 25.73 -43.01
C GLU A 185 -11.51 24.84 -44.22
N ASN A 186 -10.75 23.77 -44.41
CA ASN A 186 -10.81 22.98 -45.62
C ASN A 186 -11.52 21.63 -45.59
N ILE A 187 -11.80 21.03 -44.42
CA ILE A 187 -12.35 19.66 -44.36
C ILE A 187 -13.71 19.52 -45.06
N ALA A 188 -14.55 20.60 -45.07
CA ALA A 188 -15.85 20.60 -45.75
C ALA A 188 -15.74 20.29 -47.22
N ALA A 189 -14.55 20.53 -47.83
CA ALA A 189 -14.27 20.26 -49.25
C ALA A 189 -14.14 18.78 -49.52
N PHE A 190 -13.93 17.98 -48.48
CA PHE A 190 -13.76 16.52 -48.54
C PHE A 190 -15.02 15.82 -48.01
N GLY A 191 -16.03 16.62 -47.63
CA GLY A 191 -17.27 16.11 -47.07
C GLY A 191 -17.28 15.97 -45.56
N GLY A 192 -16.19 16.41 -44.91
CA GLY A 192 -16.03 16.36 -43.45
C GLY A 192 -16.77 17.50 -42.77
N ASP A 193 -17.28 17.25 -41.56
CA ASP A 193 -18.03 18.22 -40.77
C ASP A 193 -17.05 18.95 -39.89
N PRO A 194 -16.77 20.26 -40.14
CA PRO A 194 -15.83 20.98 -39.23
C PRO A 194 -16.43 21.16 -37.84
N MET A 195 -17.76 21.05 -37.72
CA MET A 195 -18.47 21.18 -36.46
C MET A 195 -18.53 19.88 -35.64
N SER A 196 -17.86 18.81 -36.13
CA SER A 196 -17.77 17.53 -35.43
C SER A 196 -16.39 16.98 -35.67
N VAL A 197 -15.42 17.47 -34.87
CA VAL A 197 -14.02 17.09 -34.93
C VAL A 197 -13.61 16.42 -33.62
N THR A 198 -13.14 15.18 -33.73
CA THR A 198 -12.66 14.40 -32.60
C THR A 198 -11.16 14.22 -32.74
N LEU A 199 -10.40 14.59 -31.69
CA LEU A 199 -8.96 14.36 -31.69
C LEU A 199 -8.71 13.01 -31.06
N PHE A 200 -7.78 12.25 -31.62
CA PHE A 200 -7.37 10.99 -31.01
C PHE A 200 -5.87 10.79 -31.20
N GLY A 201 -5.25 10.26 -30.16
CA GLY A 201 -3.81 10.05 -30.16
C GLY A 201 -3.44 9.06 -29.11
N GLU A 202 -2.23 8.49 -29.27
CA GLU A 202 -1.67 7.52 -28.36
C GLU A 202 -0.28 8.00 -27.90
N SER A 203 0.09 7.69 -26.62
CA SER A 203 1.34 8.04 -25.94
C SER A 203 1.58 9.56 -26.02
N ALA A 204 2.69 10.05 -26.67
CA ALA A 204 2.96 11.49 -26.82
C ALA A 204 1.80 12.16 -27.60
N GLY A 205 1.15 11.38 -28.49
CA GLY A 205 -0.02 11.83 -29.24
C GLY A 205 -1.21 12.10 -28.32
N ALA A 206 -1.38 11.26 -27.28
CA ALA A 206 -2.44 11.41 -26.29
C ALA A 206 -2.15 12.60 -25.37
N ALA A 207 -0.85 12.80 -25.03
CA ALA A 207 -0.39 13.92 -24.24
C ALA A 207 -0.68 15.20 -25.01
N SER A 208 -0.41 15.19 -26.35
CA SER A 208 -0.70 16.29 -27.29
C SER A 208 -2.18 16.63 -27.29
N VAL A 209 -3.05 15.61 -27.41
CA VAL A 209 -4.50 15.79 -27.33
C VAL A 209 -4.88 16.55 -26.03
N GLY A 210 -4.32 16.11 -24.90
CA GLY A 210 -4.54 16.72 -23.60
C GLY A 210 -4.08 18.17 -23.54
N MET A 211 -2.93 18.46 -24.18
CA MET A 211 -2.44 19.82 -24.23
C MET A 211 -3.33 20.73 -25.05
N HIS A 212 -4.03 20.17 -26.09
CA HIS A 212 -5.00 20.94 -26.86
C HIS A 212 -6.26 21.20 -26.02
N ILE A 213 -6.61 20.28 -25.08
CA ILE A 213 -7.74 20.46 -24.15
C ILE A 213 -7.45 21.61 -23.20
N LEU A 214 -6.18 21.72 -22.75
CA LEU A 214 -5.72 22.68 -21.76
C LEU A 214 -5.23 24.01 -22.31
N SER A 215 -5.23 24.17 -23.64
CA SER A 215 -4.81 25.41 -24.32
C SER A 215 -6.00 26.01 -25.03
N LEU A 216 -6.54 27.12 -24.49
CA LEU A 216 -7.71 27.85 -24.98
C LEU A 216 -7.75 28.06 -26.52
N PRO A 217 -6.64 28.52 -27.19
CA PRO A 217 -6.73 28.68 -28.66
C PRO A 217 -6.99 27.40 -29.47
N SER A 218 -6.75 26.18 -28.88
CA SER A 218 -7.02 24.92 -29.56
C SER A 218 -8.44 24.46 -29.33
N ARG A 219 -9.05 24.89 -28.20
CA ARG A 219 -10.37 24.45 -27.79
C ARG A 219 -11.49 24.72 -28.80
N SER A 220 -11.34 25.75 -29.63
CA SER A 220 -12.32 26.08 -30.67
C SER A 220 -12.15 25.24 -31.96
N LEU A 221 -11.12 24.38 -32.00
CA LEU A 221 -10.75 23.58 -33.18
C LEU A 221 -11.22 22.11 -33.13
N PHE A 222 -11.81 21.67 -32.01
CA PHE A 222 -12.31 20.29 -31.83
C PHE A 222 -13.41 20.27 -30.79
N HIS A 223 -14.17 19.16 -30.74
CA HIS A 223 -15.34 19.01 -29.88
C HIS A 223 -15.26 17.87 -28.87
N ARG A 224 -14.47 16.84 -29.19
CA ARG A 224 -14.31 15.62 -28.38
C ARG A 224 -12.86 15.20 -28.46
N ALA A 225 -12.45 14.35 -27.52
CA ALA A 225 -11.06 13.92 -27.43
C ALA A 225 -10.89 12.47 -26.95
N VAL A 226 -9.82 11.79 -27.46
CA VAL A 226 -9.43 10.41 -27.13
C VAL A 226 -7.95 10.40 -26.77
N LEU A 227 -7.65 10.00 -25.51
CA LEU A 227 -6.31 9.93 -24.98
C LEU A 227 -5.98 8.47 -24.69
N GLN A 228 -5.24 7.85 -25.61
CA GLN A 228 -4.86 6.44 -25.51
C GLN A 228 -3.48 6.35 -24.91
N SER A 229 -3.37 5.82 -23.66
CA SER A 229 -2.07 5.56 -23.04
C SER A 229 -1.12 6.76 -22.99
N GLY A 230 -1.66 7.91 -22.62
CA GLY A 230 -0.89 9.14 -22.51
C GLY A 230 -1.77 10.27 -22.00
N THR A 231 -1.13 11.23 -21.33
CA THR A 231 -1.82 12.36 -20.68
C THR A 231 -0.94 13.60 -20.68
N PRO A 232 -1.51 14.83 -20.61
CA PRO A 232 -0.67 16.04 -20.53
C PRO A 232 0.10 16.14 -19.18
N ASN A 233 -0.54 15.66 -18.09
CA ASN A 233 0.02 15.58 -16.74
C ASN A 233 0.96 14.36 -16.69
N GLY A 234 1.76 14.27 -15.62
CA GLY A 234 2.66 13.14 -15.50
C GLY A 234 4.13 13.52 -15.56
N PRO A 235 4.99 12.52 -15.36
CA PRO A 235 6.43 12.83 -15.21
C PRO A 235 7.23 13.10 -16.48
N TRP A 236 6.68 12.77 -17.63
CA TRP A 236 7.44 12.86 -18.87
C TRP A 236 6.90 13.82 -19.95
N ALA A 237 5.58 14.15 -19.93
CA ALA A 237 4.93 14.95 -20.99
C ALA A 237 5.37 16.42 -21.08
N THR A 238 5.86 16.99 -19.99
CA THR A 238 6.31 18.39 -19.99
C THR A 238 7.58 18.57 -19.20
N VAL A 239 8.18 19.75 -19.37
CA VAL A 239 9.33 20.22 -18.58
C VAL A 239 9.05 21.67 -18.21
N SER A 240 9.78 22.16 -17.23
CA SER A 240 9.67 23.53 -16.77
C SER A 240 10.48 24.39 -17.74
N ALA A 241 10.24 25.70 -17.70
CA ALA A 241 11.02 26.65 -18.47
C ALA A 241 12.53 26.52 -18.13
N GLY A 242 12.83 26.35 -16.83
CA GLY A 242 14.18 26.15 -16.33
C GLY A 242 14.87 24.92 -16.88
N GLU A 243 14.19 23.78 -16.82
CA GLU A 243 14.71 22.52 -17.34
C GLU A 243 14.90 22.56 -18.87
N ALA A 244 13.94 23.15 -19.63
CA ALA A 244 14.08 23.31 -21.08
C ALA A 244 15.26 24.21 -21.42
N ARG A 245 15.45 25.32 -20.67
CA ARG A 245 16.57 26.23 -20.86
C ARG A 245 17.92 25.50 -20.66
N ARG A 246 17.98 24.63 -19.64
CA ARG A 246 19.16 23.85 -19.30
C ARG A 246 19.56 22.88 -20.42
N ARG A 247 18.60 22.09 -20.88
CA ARG A 247 18.77 21.11 -21.94
C ARG A 247 19.11 21.74 -23.31
N ALA A 248 18.50 22.91 -23.64
CA ALA A 248 18.78 23.58 -24.91
C ALA A 248 20.19 24.10 -24.92
N THR A 249 20.62 24.73 -23.78
CA THR A 249 21.96 25.29 -23.59
C THR A 249 23.03 24.19 -23.64
N LEU A 250 22.77 23.05 -22.99
CA LEU A 250 23.70 21.92 -23.00
C LEU A 250 23.85 21.37 -24.43
N LEU A 251 22.73 21.17 -25.13
CA LEU A 251 22.73 20.69 -26.51
C LEU A 251 23.55 21.58 -27.42
N ALA A 252 23.37 22.92 -27.31
CA ALA A 252 24.13 23.96 -28.02
C ALA A 252 25.63 23.77 -27.76
N ARG A 253 26.04 23.60 -26.49
CA ARG A 253 27.43 23.33 -26.09
C ARG A 253 27.96 22.06 -26.76
N LEU A 254 27.20 20.94 -26.67
CA LEU A 254 27.60 19.64 -27.26
C LEU A 254 27.85 19.69 -28.77
N VAL A 255 27.22 20.66 -29.49
CA VAL A 255 27.34 20.82 -30.94
C VAL A 255 28.26 22.00 -31.37
N GLY A 256 28.76 22.77 -30.41
CA GLY A 256 29.71 23.85 -30.70
C GLY A 256 29.23 25.27 -30.58
N CYS A 257 28.03 25.46 -30.03
CA CYS A 257 27.40 26.76 -29.88
C CYS A 257 27.54 27.31 -28.50
N PRO A 258 28.32 28.41 -28.37
CA PRO A 258 28.60 28.95 -27.04
C PRO A 258 27.64 30.05 -26.57
N PRO A 259 26.85 29.80 -25.47
CA PRO A 259 25.98 30.86 -24.95
C PRO A 259 26.75 32.05 -24.34
N ASN A 265 23.41 35.75 -24.32
CA ASN A 265 22.31 36.13 -25.22
C ASN A 265 21.84 34.94 -26.07
N ASP A 266 20.50 34.76 -26.13
CA ASP A 266 19.83 33.66 -26.85
C ASP A 266 19.91 33.77 -28.35
N THR A 267 19.76 34.98 -28.90
CA THR A 267 19.79 35.18 -30.35
C THR A 267 21.00 34.50 -30.96
N GLU A 268 22.20 34.81 -30.43
CA GLU A 268 23.49 34.27 -30.84
C GLU A 268 23.51 32.72 -30.80
N LEU A 269 23.04 32.13 -29.67
CA LEU A 269 22.96 30.70 -29.42
C LEU A 269 22.07 30.01 -30.47
N ILE A 270 20.80 30.50 -30.62
CA ILE A 270 19.79 29.98 -31.56
C ILE A 270 20.28 30.09 -33.01
N ALA A 271 20.91 31.21 -33.37
CA ALA A 271 21.43 31.42 -34.72
C ALA A 271 22.48 30.35 -35.07
N CYS A 272 23.31 30.04 -34.11
CA CYS A 272 24.35 29.04 -34.23
C CYS A 272 23.71 27.65 -34.38
N LEU A 273 22.71 27.35 -33.55
CA LEU A 273 22.02 26.07 -33.64
C LEU A 273 21.38 25.89 -35.01
N ARG A 274 20.92 27.00 -35.66
CA ARG A 274 20.32 27.02 -36.99
C ARG A 274 21.34 26.72 -38.08
N THR A 275 22.64 26.92 -37.82
CA THR A 275 23.69 26.64 -38.79
C THR A 275 24.08 25.16 -38.78
N ARG A 276 23.56 24.39 -37.83
CA ARG A 276 23.94 23.01 -37.65
C ARG A 276 23.15 21.99 -38.48
N PRO A 277 23.90 21.01 -39.06
CA PRO A 277 23.24 19.94 -39.81
C PRO A 277 22.19 19.26 -38.92
N ALA A 278 20.98 19.01 -39.43
CA ALA A 278 19.88 18.38 -38.68
C ALA A 278 20.30 17.08 -37.93
N GLN A 279 21.20 16.27 -38.56
CA GLN A 279 21.72 15.02 -38.02
C GLN A 279 22.63 15.25 -36.84
N ASP A 280 23.33 16.40 -36.80
CA ASP A 280 24.19 16.72 -35.69
C ASP A 280 23.38 16.90 -34.41
N LEU A 281 22.18 17.50 -34.53
CA LEU A 281 21.29 17.75 -33.39
C LEU A 281 20.78 16.43 -32.87
N VAL A 282 20.32 15.58 -33.79
CA VAL A 282 19.80 14.24 -33.53
C VAL A 282 20.89 13.39 -32.83
N ASP A 283 22.16 13.47 -33.30
CA ASP A 283 23.25 12.70 -32.66
C ASP A 283 23.54 13.13 -31.20
N HIS A 284 23.09 14.33 -30.79
CA HIS A 284 23.33 14.76 -29.42
C HIS A 284 22.09 14.90 -28.58
N GLU A 285 20.93 14.63 -29.17
CA GLU A 285 19.66 14.77 -28.49
C GLU A 285 19.56 14.03 -27.15
N TRP A 286 20.04 12.78 -27.08
CA TRP A 286 19.94 11.93 -25.90
C TRP A 286 20.92 12.25 -24.77
N HIS A 287 21.97 13.03 -25.04
CA HIS A 287 22.99 13.36 -24.06
C HIS A 287 22.61 14.48 -23.07
N VAL A 288 21.42 15.07 -23.17
CA VAL A 288 21.05 16.20 -22.32
C VAL A 288 20.13 15.81 -21.14
N LEU A 289 19.78 14.52 -21.02
CA LEU A 289 18.91 14.05 -19.93
C LEU A 289 19.65 14.09 -18.60
N PRO A 290 19.01 14.61 -17.52
CA PRO A 290 19.72 14.78 -16.24
C PRO A 290 20.22 13.52 -15.55
N GLN A 291 19.56 12.36 -15.77
CA GLN A 291 19.90 11.09 -15.13
C GLN A 291 19.71 9.93 -16.11
N GLU A 292 20.29 8.75 -15.75
CA GLU A 292 20.10 7.46 -16.42
C GLU A 292 18.61 7.18 -16.16
N SER A 293 17.81 7.06 -17.23
CA SER A 293 16.38 6.90 -17.12
C SER A 293 15.78 6.16 -18.28
N ILE A 294 14.50 5.81 -18.11
CA ILE A 294 13.63 5.23 -19.13
C ILE A 294 12.33 6.01 -19.01
N PHE A 295 11.58 6.13 -20.13
CA PHE A 295 10.33 6.88 -20.24
C PHE A 295 10.55 8.39 -19.96
N ARG A 296 11.71 8.91 -20.38
CA ARG A 296 12.07 10.31 -20.31
C ARG A 296 12.60 10.70 -21.68
N PHE A 297 12.16 11.87 -22.15
CA PHE A 297 12.51 12.35 -23.48
C PHE A 297 13.04 13.75 -23.36
N SER A 298 14.15 14.02 -24.06
CA SER A 298 14.90 15.27 -24.00
C SER A 298 14.09 16.53 -24.35
N PHE A 299 13.43 16.55 -25.50
CA PHE A 299 12.72 17.76 -25.94
C PHE A 299 11.25 17.48 -26.06
N VAL A 300 10.51 17.97 -25.08
CA VAL A 300 9.07 17.76 -24.92
C VAL A 300 8.41 19.12 -24.69
N PRO A 301 7.07 19.22 -24.65
CA PRO A 301 6.44 20.53 -24.38
C PRO A 301 6.94 21.20 -23.10
N VAL A 302 7.08 22.52 -23.14
CA VAL A 302 7.55 23.31 -22.00
C VAL A 302 6.40 24.10 -21.33
N VAL A 303 6.46 24.27 -20.01
CA VAL A 303 5.45 25.07 -19.31
C VAL A 303 5.95 26.49 -19.49
N ASP A 304 5.49 27.10 -20.58
CA ASP A 304 5.90 28.41 -21.05
C ASP A 304 5.08 29.60 -20.53
N GLY A 305 3.89 29.36 -19.99
CA GLY A 305 2.98 30.41 -19.56
C GLY A 305 2.26 31.06 -20.75
N ASP A 306 2.33 30.38 -21.93
CA ASP A 306 1.71 30.80 -23.19
C ASP A 306 0.82 29.66 -23.72
N PHE A 307 1.39 28.66 -24.49
CA PHE A 307 0.61 27.50 -24.98
C PHE A 307 0.03 26.85 -23.73
N LEU A 308 0.87 26.63 -22.70
CA LEU A 308 0.52 26.08 -21.40
C LEU A 308 0.64 27.18 -20.37
N SER A 309 -0.49 27.79 -19.97
CA SER A 309 -0.58 28.92 -19.03
C SER A 309 -0.06 28.59 -17.61
N ASP A 310 -0.10 27.30 -17.26
CA ASP A 310 0.38 26.75 -15.99
C ASP A 310 0.73 25.27 -16.25
N THR A 311 1.18 24.55 -15.21
CA THR A 311 1.51 23.13 -15.37
C THR A 311 0.22 22.35 -15.70
N PRO A 312 0.30 21.30 -16.55
CA PRO A 312 -0.92 20.51 -16.83
C PRO A 312 -1.66 20.07 -15.55
N GLU A 313 -0.91 19.71 -14.47
CA GLU A 313 -1.44 19.30 -13.15
C GLU A 313 -2.32 20.42 -12.56
N ALA A 314 -1.83 21.67 -12.57
CA ALA A 314 -2.58 22.83 -12.08
C ALA A 314 -3.83 23.04 -12.92
N LEU A 315 -3.68 22.95 -14.25
CA LEU A 315 -4.76 23.16 -15.22
C LEU A 315 -5.86 22.10 -15.13
N ILE A 316 -5.50 20.83 -14.90
CA ILE A 316 -6.51 19.76 -14.77
C ILE A 316 -7.23 19.85 -13.42
N ASN A 317 -6.55 20.36 -12.37
CA ASN A 317 -7.13 20.51 -11.04
C ASN A 317 -8.10 21.68 -10.95
N THR A 318 -7.90 22.73 -11.77
CA THR A 318 -8.70 23.96 -11.70
C THR A 318 -9.60 24.28 -12.91
N GLY A 319 -9.42 23.57 -14.02
CA GLY A 319 -10.17 23.81 -15.24
C GLY A 319 -11.64 23.45 -15.19
N ASP A 320 -12.44 24.05 -16.09
CA ASP A 320 -13.86 23.79 -16.28
C ASP A 320 -14.02 22.95 -17.55
N PHE A 321 -14.51 21.70 -17.39
CA PHE A 321 -14.65 20.77 -18.52
C PHE A 321 -16.08 20.31 -18.76
N GLN A 322 -17.05 21.14 -18.34
CA GLN A 322 -18.49 20.91 -18.44
C GLN A 322 -18.97 20.43 -19.83
N ASP A 323 -18.61 21.15 -20.90
CA ASP A 323 -19.08 20.74 -22.22
C ASP A 323 -18.03 19.90 -23.00
N LEU A 324 -17.35 18.98 -22.28
CA LEU A 324 -16.32 18.13 -22.88
C LEU A 324 -16.57 16.64 -22.71
N GLN A 325 -16.40 15.87 -23.80
CA GLN A 325 -16.52 14.41 -23.82
C GLN A 325 -15.13 13.86 -24.11
N VAL A 326 -14.69 12.92 -23.26
CA VAL A 326 -13.36 12.34 -23.35
C VAL A 326 -13.42 10.83 -23.22
N LEU A 327 -12.63 10.13 -24.04
CA LEU A 327 -12.43 8.69 -24.00
C LEU A 327 -10.96 8.51 -23.64
N VAL A 328 -10.70 7.82 -22.51
CA VAL A 328 -9.34 7.60 -21.97
C VAL A 328 -9.13 6.14 -21.66
N GLY A 329 -7.89 5.71 -21.73
CA GLY A 329 -7.60 4.33 -21.38
C GLY A 329 -6.16 3.93 -21.51
N VAL A 330 -5.89 2.67 -21.11
CA VAL A 330 -4.56 2.09 -21.04
C VAL A 330 -4.55 0.69 -21.65
N VAL A 331 -3.34 0.16 -21.94
CA VAL A 331 -3.07 -1.22 -22.36
C VAL A 331 -2.71 -2.02 -21.05
N LYS A 332 -2.74 -3.37 -21.11
CA LYS A 332 -2.48 -4.25 -19.97
C LYS A 332 -1.07 -4.10 -19.43
N ASP A 333 -0.07 -3.89 -20.33
CA ASP A 333 1.35 -3.83 -19.94
C ASP A 333 2.07 -2.59 -20.49
N GLU A 334 1.64 -1.43 -20.00
CA GLU A 334 2.17 -0.11 -20.38
C GLU A 334 3.69 0.03 -20.28
N GLY A 335 4.30 -0.46 -19.21
CA GLY A 335 5.74 -0.26 -19.03
C GLY A 335 6.67 -1.37 -19.48
N SER A 336 6.14 -2.45 -20.04
CA SER A 336 6.92 -3.64 -20.37
C SER A 336 8.04 -3.40 -21.39
N TYR A 337 7.78 -2.74 -22.53
CA TYR A 337 8.80 -2.56 -23.55
C TYR A 337 9.93 -1.59 -23.15
N PHE A 338 9.61 -0.56 -22.35
CA PHE A 338 10.55 0.44 -21.87
C PHE A 338 11.76 -0.14 -21.16
N LEU A 339 11.60 -1.31 -20.54
CA LEU A 339 12.63 -2.00 -19.78
C LEU A 339 13.77 -2.56 -20.63
N VAL A 340 13.48 -2.91 -21.90
CA VAL A 340 14.52 -3.43 -22.80
C VAL A 340 15.39 -2.30 -23.38
N TYR A 341 14.97 -1.05 -23.16
CA TYR A 341 15.68 0.14 -23.61
C TYR A 341 16.60 0.80 -22.53
N GLY A 342 16.84 0.12 -21.42
CA GLY A 342 17.70 0.72 -20.41
C GLY A 342 17.77 0.14 -19.02
N VAL A 343 16.96 -0.89 -18.72
CA VAL A 343 17.03 -1.50 -17.38
C VAL A 343 17.89 -2.77 -17.46
N PRO A 344 19.05 -2.84 -16.78
CA PRO A 344 19.87 -4.07 -16.85
C PRO A 344 19.10 -5.30 -16.38
N GLY A 345 19.30 -6.42 -17.10
CA GLY A 345 18.65 -7.69 -16.83
C GLY A 345 17.49 -7.98 -17.76
N PHE A 346 17.01 -6.95 -18.49
CA PHE A 346 15.88 -7.03 -19.43
C PHE A 346 16.30 -7.20 -20.86
N SER A 347 15.57 -8.06 -21.59
CA SER A 347 15.79 -8.42 -23.01
C SER A 347 14.52 -8.99 -23.64
N LYS A 348 14.35 -8.78 -24.96
CA LYS A 348 13.23 -9.34 -25.69
C LYS A 348 13.53 -10.83 -25.99
N ASP A 349 14.82 -11.20 -25.91
CA ASP A 349 15.34 -12.50 -26.30
C ASP A 349 15.44 -13.51 -25.18
N ASN A 350 15.25 -13.08 -23.92
CA ASN A 350 15.18 -13.97 -22.75
C ASN A 350 13.93 -13.62 -21.92
N GLU A 351 13.60 -14.48 -20.95
CA GLU A 351 12.43 -14.33 -20.08
C GLU A 351 12.50 -13.15 -19.10
N SER A 352 13.69 -12.49 -19.03
CA SER A 352 13.99 -11.34 -18.20
C SER A 352 13.70 -11.57 -16.71
N LEU A 353 14.11 -12.72 -16.19
CA LEU A 353 13.92 -13.00 -14.77
C LEU A 353 15.05 -12.29 -13.98
N ILE A 354 14.67 -11.26 -13.21
CA ILE A 354 15.61 -10.37 -12.52
C ILE A 354 15.80 -10.67 -11.01
N SER A 355 16.91 -10.19 -10.45
CA SER A 355 17.19 -10.33 -9.03
C SER A 355 16.59 -9.13 -8.29
N ARG A 356 16.57 -9.20 -6.97
CA ARG A 356 16.09 -8.14 -6.10
C ARG A 356 16.98 -6.88 -6.33
N ALA A 357 18.31 -7.08 -6.43
CA ALA A 357 19.27 -6.01 -6.72
C ALA A 357 18.97 -5.32 -8.08
N GLN A 358 18.63 -6.13 -9.11
CA GLN A 358 18.27 -5.62 -10.44
C GLN A 358 16.92 -4.89 -10.35
N PHE A 359 16.03 -5.27 -9.44
CA PHE A 359 14.75 -4.56 -9.29
C PHE A 359 14.98 -3.18 -8.59
N LEU A 360 15.80 -3.14 -7.51
CA LEU A 360 16.15 -1.91 -6.78
C LEU A 360 16.86 -0.96 -7.73
N ALA A 361 17.80 -1.48 -8.58
CA ALA A 361 18.53 -0.69 -9.57
C ALA A 361 17.58 -0.15 -10.65
N GLY A 362 16.67 -0.99 -11.11
CA GLY A 362 15.67 -0.64 -12.11
C GLY A 362 14.70 0.43 -11.67
N VAL A 363 14.27 0.40 -10.40
CA VAL A 363 13.31 1.36 -9.83
C VAL A 363 13.90 2.77 -9.89
N ARG A 364 15.22 2.90 -9.71
CA ARG A 364 15.98 4.16 -9.75
C ARG A 364 16.05 4.73 -11.14
N ILE A 365 16.10 3.85 -12.16
CA ILE A 365 16.09 4.21 -13.59
C ILE A 365 14.63 4.54 -14.01
N GLY A 366 13.69 3.75 -13.53
CA GLY A 366 12.26 3.90 -13.82
C GLY A 366 11.62 5.10 -13.17
N VAL A 367 12.11 5.47 -11.98
CA VAL A 367 11.61 6.64 -11.25
C VAL A 367 12.85 7.51 -11.03
N PRO A 368 13.38 8.19 -12.08
CA PRO A 368 14.66 8.94 -11.91
C PRO A 368 14.62 10.17 -11.01
N GLN A 369 13.42 10.79 -10.84
CA GLN A 369 13.29 11.99 -10.01
CA GLN A 369 13.20 11.98 -10.01
C GLN A 369 13.05 11.66 -8.52
N ALA A 370 12.97 10.37 -8.18
CA ALA A 370 12.78 9.89 -6.81
C ALA A 370 14.04 9.93 -5.96
N SER A 371 13.85 10.41 -4.71
CA SER A 371 14.85 10.44 -3.66
C SER A 371 15.03 9.00 -3.15
N ASP A 372 16.01 8.76 -2.27
CA ASP A 372 16.26 7.44 -1.72
C ASP A 372 15.01 6.88 -0.98
N LEU A 373 14.32 7.79 -0.24
CA LEU A 373 13.12 7.50 0.55
C LEU A 373 11.93 7.21 -0.35
N ALA A 374 11.78 8.01 -1.41
CA ALA A 374 10.69 7.85 -2.39
C ALA A 374 10.87 6.53 -3.13
N ALA A 375 12.12 6.20 -3.54
CA ALA A 375 12.44 4.94 -4.24
C ALA A 375 12.18 3.79 -3.28
N GLU A 376 12.48 3.99 -1.98
CA GLU A 376 12.20 2.98 -0.96
C GLU A 376 10.71 2.74 -0.86
N ALA A 377 9.87 3.81 -0.78
CA ALA A 377 8.41 3.66 -0.75
C ALA A 377 7.91 2.86 -1.95
N VAL A 378 8.48 3.05 -3.16
CA VAL A 378 8.11 2.35 -4.41
C VAL A 378 8.39 0.85 -4.28
N VAL A 379 9.63 0.51 -3.90
CA VAL A 379 10.12 -0.85 -3.70
C VAL A 379 9.26 -1.60 -2.65
N LEU A 380 8.95 -0.94 -1.55
CA LEU A 380 8.17 -1.57 -0.50
C LEU A 380 6.72 -1.85 -0.93
N HIS A 381 6.17 -0.97 -1.74
CA HIS A 381 4.83 -1.11 -2.29
C HIS A 381 4.73 -2.21 -3.38
N TYR A 382 5.74 -2.33 -4.25
CA TYR A 382 5.66 -3.29 -5.34
C TYR A 382 6.24 -4.65 -5.01
N THR A 383 6.92 -4.80 -3.85
CA THR A 383 7.44 -6.10 -3.41
C THR A 383 6.30 -6.98 -2.94
N ASP A 384 6.35 -8.29 -3.28
CA ASP A 384 5.43 -9.32 -2.78
C ASP A 384 6.19 -9.85 -1.56
N TRP A 385 5.73 -9.49 -0.36
CA TRP A 385 6.46 -9.86 0.84
C TRP A 385 6.38 -11.35 1.20
N LEU A 386 5.58 -12.14 0.48
CA LEU A 386 5.54 -13.59 0.64
C LEU A 386 6.73 -14.20 -0.13
N HIS A 387 6.99 -13.69 -1.34
CA HIS A 387 8.04 -14.10 -2.29
C HIS A 387 8.80 -12.82 -2.73
N PRO A 388 9.58 -12.18 -1.83
CA PRO A 388 10.23 -10.91 -2.19
C PRO A 388 11.46 -11.03 -3.09
N GLU A 389 11.92 -12.26 -3.35
CA GLU A 389 13.08 -12.53 -4.18
C GLU A 389 12.72 -13.28 -5.45
N ASP A 390 11.43 -13.59 -5.63
CA ASP A 390 10.91 -14.31 -6.80
C ASP A 390 11.16 -13.51 -8.08
N PRO A 391 11.98 -14.06 -9.00
CA PRO A 391 12.34 -13.36 -10.25
C PRO A 391 11.20 -12.95 -11.16
N THR A 392 10.12 -13.77 -11.25
CA THR A 392 8.97 -13.46 -12.10
C THR A 392 8.20 -12.28 -11.53
N HIS A 393 7.92 -12.28 -10.20
CA HIS A 393 7.22 -11.17 -9.58
C HIS A 393 8.02 -9.89 -9.72
N LEU A 394 9.34 -9.94 -9.48
CA LEU A 394 10.28 -8.80 -9.60
C LEU A 394 10.28 -8.24 -11.00
N ARG A 395 10.29 -9.14 -12.01
CA ARG A 395 10.22 -8.75 -13.42
C ARG A 395 8.91 -7.99 -13.69
N ASP A 396 7.77 -8.56 -13.31
CA ASP A 396 6.45 -7.98 -13.54
C ASP A 396 6.19 -6.73 -12.72
N ALA A 397 6.80 -6.64 -11.54
CA ALA A 397 6.69 -5.49 -10.65
C ALA A 397 7.45 -4.31 -11.25
N MET A 398 8.60 -4.59 -11.90
CA MET A 398 9.38 -3.58 -12.62
C MET A 398 8.58 -3.00 -13.78
N SER A 399 7.83 -3.85 -14.51
CA SER A 399 6.98 -3.37 -15.62
C SER A 399 5.85 -2.48 -15.06
N ALA A 400 5.22 -2.93 -13.97
CA ALA A 400 4.12 -2.24 -13.28
C ALA A 400 4.57 -0.89 -12.72
N VAL A 401 5.82 -0.78 -12.21
CA VAL A 401 6.36 0.47 -11.69
C VAL A 401 6.40 1.51 -12.81
N VAL A 402 6.98 1.15 -13.95
CA VAL A 402 7.14 2.03 -15.11
C VAL A 402 5.79 2.43 -15.73
N GLY A 403 4.92 1.45 -15.98
CA GLY A 403 3.59 1.67 -16.53
C GLY A 403 2.65 2.48 -15.65
N ASP A 404 2.68 2.26 -14.32
CA ASP A 404 1.81 2.95 -13.35
C ASP A 404 2.26 4.36 -13.15
N HIS A 405 3.57 4.56 -12.95
CA HIS A 405 4.17 5.86 -12.73
C HIS A 405 3.93 6.79 -13.91
N ASN A 406 4.22 6.30 -15.12
CA ASN A 406 4.15 7.05 -16.36
C ASN A 406 2.82 7.10 -17.07
N VAL A 407 2.00 6.04 -16.99
CA VAL A 407 0.76 6.03 -17.76
C VAL A 407 -0.52 5.86 -16.92
N VAL A 408 -0.70 4.67 -16.29
CA VAL A 408 -1.93 4.26 -15.62
C VAL A 408 -2.41 5.27 -14.59
N CYS A 409 -1.50 5.76 -13.76
CA CYS A 409 -1.89 6.66 -12.71
C CYS A 409 -2.03 8.08 -13.19
N PRO A 410 -1.18 8.64 -14.08
CA PRO A 410 -1.53 9.92 -14.72
C PRO A 410 -2.90 9.87 -15.45
N VAL A 411 -3.24 8.72 -16.12
CA VAL A 411 -4.54 8.54 -16.80
C VAL A 411 -5.69 8.57 -15.76
N ALA A 412 -5.51 7.85 -14.65
CA ALA A 412 -6.48 7.77 -13.55
C ALA A 412 -6.71 9.15 -12.90
N GLN A 413 -5.61 9.88 -12.69
CA GLN A 413 -5.59 11.24 -12.15
C GLN A 413 -6.43 12.14 -13.09
N LEU A 414 -6.12 12.11 -14.40
CA LEU A 414 -6.83 12.84 -15.44
C LEU A 414 -8.33 12.52 -15.47
N ALA A 415 -8.70 11.22 -15.56
CA ALA A 415 -10.11 10.77 -15.61
C ALA A 415 -10.91 11.31 -14.41
N GLY A 416 -10.34 11.16 -13.19
CA GLY A 416 -10.95 11.64 -11.96
C GLY A 416 -11.15 13.15 -11.94
N ARG A 417 -10.10 13.90 -12.31
CA ARG A 417 -10.17 15.37 -12.32
C ARG A 417 -11.16 15.86 -13.36
N LEU A 418 -11.10 15.34 -14.60
CA LEU A 418 -12.04 15.69 -15.66
C LEU A 418 -13.49 15.41 -15.23
N ALA A 419 -13.74 14.20 -14.69
CA ALA A 419 -15.06 13.75 -14.24
C ALA A 419 -15.64 14.71 -13.15
N ALA A 420 -14.83 15.00 -12.11
CA ALA A 420 -15.17 15.92 -11.01
C ALA A 420 -15.42 17.34 -11.51
N GLN A 421 -14.78 17.72 -12.63
CA GLN A 421 -14.91 19.07 -13.16
C GLN A 421 -15.79 19.19 -14.42
N GLY A 422 -16.83 18.35 -14.49
CA GLY A 422 -17.88 18.42 -15.51
C GLY A 422 -17.79 17.62 -16.80
N ALA A 423 -16.64 17.00 -17.10
CA ALA A 423 -16.51 16.25 -18.34
C ALA A 423 -17.24 14.93 -18.31
N ARG A 424 -17.60 14.45 -19.51
CA ARG A 424 -18.21 13.15 -19.71
C ARG A 424 -17.02 12.26 -20.10
N VAL A 425 -16.63 11.35 -19.21
CA VAL A 425 -15.45 10.49 -19.37
C VAL A 425 -15.88 9.05 -19.55
N TYR A 426 -15.23 8.33 -20.46
CA TYR A 426 -15.39 6.89 -20.70
C TYR A 426 -13.97 6.35 -20.61
N ALA A 427 -13.77 5.35 -19.73
CA ALA A 427 -12.43 4.78 -19.54
C ALA A 427 -12.39 3.33 -19.92
N TYR A 428 -11.22 2.84 -20.35
CA TYR A 428 -11.06 1.44 -20.74
C TYR A 428 -9.69 0.86 -20.35
N ILE A 429 -9.61 -0.48 -20.40
CA ILE A 429 -8.37 -1.22 -20.27
C ILE A 429 -8.33 -2.15 -21.46
N PHE A 430 -7.30 -2.01 -22.29
CA PHE A 430 -7.16 -2.85 -23.48
C PHE A 430 -6.27 -4.02 -23.11
N GLU A 431 -6.85 -5.23 -23.12
CA GLU A 431 -6.16 -6.43 -22.64
C GLU A 431 -5.89 -7.49 -23.69
N HIS A 432 -6.17 -7.20 -24.97
CA HIS A 432 -5.93 -8.21 -25.97
C HIS A 432 -4.53 -8.13 -26.60
N ARG A 433 -3.76 -9.23 -26.54
CA ARG A 433 -2.44 -9.36 -27.15
C ARG A 433 -2.60 -9.88 -28.59
N ALA A 434 -2.13 -9.12 -29.58
CA ALA A 434 -2.24 -9.52 -30.99
C ALA A 434 -1.60 -10.90 -31.20
N SER A 435 -2.30 -11.78 -31.92
CA SER A 435 -1.84 -13.13 -32.27
C SER A 435 -0.54 -13.03 -33.08
N THR A 436 -0.38 -11.91 -33.82
CA THR A 436 0.74 -11.57 -34.70
C THR A 436 1.99 -10.97 -33.99
N LEU A 437 1.84 -10.55 -32.71
CA LEU A 437 2.91 -9.91 -31.92
C LEU A 437 4.20 -10.71 -31.85
N THR A 438 5.35 -10.04 -32.05
CA THR A 438 6.69 -10.66 -32.08
C THR A 438 7.53 -10.39 -30.83
N TRP A 439 7.06 -9.46 -29.96
CA TRP A 439 7.71 -9.17 -28.69
C TRP A 439 7.47 -10.38 -27.79
N PRO A 440 8.33 -10.70 -26.80
CA PRO A 440 8.10 -11.89 -25.97
C PRO A 440 6.78 -11.84 -25.21
N LEU A 441 6.30 -13.01 -24.79
CA LEU A 441 5.06 -13.18 -24.04
C LEU A 441 5.05 -12.42 -22.75
N TRP A 442 6.23 -12.28 -22.10
CA TRP A 442 6.38 -11.60 -20.81
C TRP A 442 6.00 -10.13 -20.91
N MET A 443 6.09 -9.52 -22.12
CA MET A 443 5.75 -8.11 -22.35
C MET A 443 4.25 -7.87 -22.36
N GLY A 444 3.48 -8.95 -22.45
CA GLY A 444 2.03 -8.91 -22.43
C GLY A 444 1.44 -8.13 -23.58
N VAL A 445 0.64 -7.08 -23.27
CA VAL A 445 0.03 -6.17 -24.24
C VAL A 445 0.88 -4.89 -24.10
N PRO A 446 1.99 -4.74 -24.86
CA PRO A 446 2.81 -3.54 -24.72
C PRO A 446 2.13 -2.25 -25.15
N HIS A 447 2.75 -1.13 -24.81
CA HIS A 447 2.39 0.25 -25.11
C HIS A 447 2.37 0.42 -26.64
N GLY A 448 1.20 0.83 -27.16
CA GLY A 448 0.97 1.06 -28.57
C GLY A 448 0.39 -0.09 -29.36
N TYR A 449 0.19 -1.28 -28.75
CA TYR A 449 -0.30 -2.41 -29.54
C TYR A 449 -1.85 -2.58 -29.56
N GLU A 450 -2.57 -1.52 -29.21
CA GLU A 450 -4.02 -1.48 -29.38
C GLU A 450 -4.35 -0.72 -30.67
N ILE A 451 -3.40 0.11 -31.15
CA ILE A 451 -3.57 1.04 -32.28
C ILE A 451 -4.05 0.31 -33.51
N GLU A 452 -3.33 -0.75 -33.93
CA GLU A 452 -3.67 -1.55 -35.11
C GLU A 452 -5.13 -2.08 -35.09
N PHE A 453 -5.70 -2.30 -33.87
CA PHE A 453 -7.07 -2.74 -33.66
C PHE A 453 -8.09 -1.59 -33.86
N ILE A 454 -7.82 -0.39 -33.30
CA ILE A 454 -8.62 0.82 -33.45
C ILE A 454 -8.65 1.27 -34.93
N PHE A 455 -7.49 1.19 -35.63
CA PHE A 455 -7.42 1.57 -37.03
C PHE A 455 -8.04 0.51 -37.96
N GLY A 456 -8.27 -0.69 -37.45
CA GLY A 456 -8.93 -1.79 -38.16
C GLY A 456 -8.05 -2.61 -39.08
N LEU A 457 -6.76 -2.71 -38.78
CA LEU A 457 -5.81 -3.47 -39.58
C LEU A 457 -6.18 -4.95 -39.66
N PRO A 458 -6.72 -5.61 -38.58
CA PRO A 458 -7.13 -7.02 -38.72
C PRO A 458 -8.04 -7.35 -39.92
N LEU A 459 -8.79 -6.33 -40.43
CA LEU A 459 -9.70 -6.41 -41.59
C LEU A 459 -8.99 -6.74 -42.91
N ASP A 460 -7.67 -6.50 -42.97
CA ASP A 460 -6.87 -6.85 -44.13
C ASP A 460 -6.48 -8.33 -43.98
N PRO A 461 -6.99 -9.23 -44.86
CA PRO A 461 -6.69 -10.66 -44.70
C PRO A 461 -5.22 -11.01 -44.85
N SER A 462 -4.46 -10.20 -45.62
CA SER A 462 -3.04 -10.39 -45.86
C SER A 462 -2.17 -10.28 -44.59
N LEU A 463 -2.69 -9.59 -43.54
CA LEU A 463 -2.01 -9.36 -42.26
C LEU A 463 -2.07 -10.57 -41.27
N ASN A 464 -2.81 -11.63 -41.67
CA ASN A 464 -2.92 -12.92 -40.98
C ASN A 464 -3.40 -12.84 -39.50
N TYR A 465 -4.31 -11.90 -39.16
CA TYR A 465 -4.95 -11.84 -37.84
C TYR A 465 -6.07 -12.92 -37.81
N THR A 466 -6.54 -13.31 -36.62
CA THR A 466 -7.62 -14.31 -36.52
C THR A 466 -8.99 -13.69 -36.86
N THR A 467 -10.01 -14.55 -37.04
CA THR A 467 -11.39 -14.15 -37.31
C THR A 467 -11.94 -13.37 -36.10
N GLU A 468 -11.61 -13.79 -34.87
CA GLU A 468 -12.06 -13.15 -33.64
C GLU A 468 -11.49 -11.74 -33.54
N GLU A 469 -10.22 -11.56 -33.97
CA GLU A 469 -9.50 -10.29 -34.00
C GLU A 469 -10.12 -9.32 -35.01
N ARG A 470 -10.61 -9.83 -36.15
CA ARG A 470 -11.28 -9.06 -37.19
C ARG A 470 -12.64 -8.56 -36.62
N ILE A 471 -13.40 -9.43 -35.90
CA ILE A 471 -14.69 -9.09 -35.25
C ILE A 471 -14.44 -8.05 -34.12
N PHE A 472 -13.34 -8.22 -33.39
CA PHE A 472 -12.91 -7.38 -32.28
C PHE A 472 -12.50 -6.00 -32.78
N ALA A 473 -11.71 -5.94 -33.89
CA ALA A 473 -11.28 -4.68 -34.51
C ALA A 473 -12.52 -3.88 -34.94
N GLN A 474 -13.55 -4.57 -35.47
CA GLN A 474 -14.80 -3.98 -35.92
C GLN A 474 -15.56 -3.34 -34.77
N ARG A 475 -15.58 -4.02 -33.61
CA ARG A 475 -16.21 -3.56 -32.37
C ARG A 475 -15.57 -2.25 -31.91
N LEU A 476 -14.22 -2.19 -31.92
CA LEU A 476 -13.40 -1.03 -31.51
C LEU A 476 -13.60 0.17 -32.39
N MET A 477 -13.60 -0.05 -33.72
CA MET A 477 -13.86 0.96 -34.73
C MET A 477 -15.23 1.60 -34.49
N LYS A 478 -16.27 0.79 -34.15
CA LYS A 478 -17.61 1.25 -33.81
C LYS A 478 -17.60 2.08 -32.50
N TYR A 479 -16.89 1.63 -31.43
CA TYR A 479 -16.83 2.40 -30.17
C TYR A 479 -16.27 3.77 -30.41
N TRP A 480 -15.11 3.82 -31.09
CA TRP A 480 -14.39 5.04 -31.41
C TRP A 480 -15.19 6.00 -32.27
N THR A 481 -15.84 5.48 -33.34
CA THR A 481 -16.60 6.33 -34.27
C THR A 481 -17.95 6.73 -33.66
N ASN A 482 -18.55 5.89 -32.79
CA ASN A 482 -19.80 6.28 -32.13
C ASN A 482 -19.47 7.41 -31.19
N PHE A 483 -18.28 7.31 -30.54
CA PHE A 483 -17.78 8.35 -29.65
C PHE A 483 -17.54 9.64 -30.47
N ALA A 484 -16.85 9.54 -31.63
CA ALA A 484 -16.65 10.71 -32.51
C ALA A 484 -17.97 11.33 -32.96
N ARG A 485 -18.95 10.49 -33.28
CA ARG A 485 -20.26 10.93 -33.76
C ARG A 485 -21.10 11.61 -32.69
N THR A 486 -21.19 11.00 -31.50
CA THR A 486 -22.12 11.38 -30.43
C THR A 486 -21.51 11.79 -29.07
N GLY A 487 -20.27 11.42 -28.82
CA GLY A 487 -19.62 11.65 -27.53
C GLY A 487 -19.91 10.53 -26.55
N ASP A 488 -20.43 9.41 -27.07
CA ASP A 488 -20.85 8.19 -26.36
C ASP A 488 -20.39 7.00 -27.21
N PRO A 489 -19.57 6.05 -26.67
CA PRO A 489 -19.10 4.94 -27.52
C PRO A 489 -20.12 3.83 -27.75
N ASN A 490 -21.30 3.97 -27.13
CA ASN A 490 -22.35 2.98 -27.21
C ASN A 490 -23.15 3.14 -28.47
N ASP A 491 -23.56 2.00 -29.03
CA ASP A 491 -24.37 1.95 -30.23
C ASP A 491 -25.84 2.12 -29.80
N PRO A 492 -26.57 3.12 -30.35
CA PRO A 492 -27.97 3.29 -29.94
C PRO A 492 -28.90 2.20 -30.49
N ARG A 493 -28.44 1.44 -31.50
CA ARG A 493 -29.20 0.35 -32.15
C ARG A 493 -29.13 -0.94 -31.31
N ASP A 494 -27.96 -1.24 -30.70
CA ASP A 494 -27.71 -2.42 -29.86
C ASP A 494 -28.26 -2.28 -28.42
N SER A 495 -28.72 -3.40 -27.83
CA SER A 495 -29.31 -3.41 -26.48
C SER A 495 -28.86 -4.66 -25.72
N LYS A 496 -27.98 -4.46 -24.71
CA LYS A 496 -27.37 -5.49 -23.84
C LYS A 496 -26.85 -6.75 -24.64
N SER A 497 -25.77 -6.66 -25.52
CA SER A 497 -24.86 -5.55 -25.88
C SER A 497 -24.46 -4.75 -24.65
N PRO A 498 -23.56 -5.30 -23.79
CA PRO A 498 -23.25 -4.60 -22.53
C PRO A 498 -22.92 -3.13 -22.73
N GLN A 499 -23.57 -2.27 -21.95
CA GLN A 499 -23.34 -0.84 -22.05
C GLN A 499 -22.04 -0.42 -21.40
N TRP A 500 -21.37 0.53 -22.06
CA TRP A 500 -20.15 1.12 -21.57
C TRP A 500 -20.61 2.32 -20.72
N PRO A 501 -20.42 2.24 -19.38
CA PRO A 501 -20.86 3.36 -18.54
C PRO A 501 -19.82 4.49 -18.47
N PRO A 502 -20.28 5.74 -18.26
CA PRO A 502 -19.31 6.82 -18.05
C PRO A 502 -18.54 6.55 -16.73
N TYR A 503 -17.26 6.97 -16.72
CA TYR A 503 -16.40 6.90 -15.57
C TYR A 503 -16.80 8.07 -14.67
N THR A 504 -16.96 7.80 -13.37
CA THR A 504 -17.35 8.84 -12.41
C THR A 504 -16.47 8.74 -11.19
N THR A 505 -16.39 9.83 -10.40
CA THR A 505 -15.57 9.83 -9.18
C THR A 505 -16.16 8.87 -8.17
N ALA A 506 -17.51 8.83 -8.09
CA ALA A 506 -18.27 7.98 -7.19
C ALA A 506 -18.14 6.47 -7.48
N ALA A 507 -18.40 6.04 -8.73
CA ALA A 507 -18.41 4.64 -9.12
C ALA A 507 -17.12 4.13 -9.79
N GLN A 508 -16.27 5.02 -10.27
CA GLN A 508 -14.98 4.73 -10.93
C GLN A 508 -15.01 3.57 -11.96
N GLN A 509 -16.10 3.52 -12.72
CA GLN A 509 -16.37 2.50 -13.75
C GLN A 509 -15.58 2.64 -15.06
N TYR A 510 -14.95 1.55 -15.49
CA TYR A 510 -14.23 1.43 -16.76
C TYR A 510 -14.51 0.03 -17.33
N VAL A 511 -14.20 -0.19 -18.60
CA VAL A 511 -14.48 -1.48 -19.21
C VAL A 511 -13.21 -2.20 -19.70
N SER A 512 -13.29 -3.52 -19.81
CA SER A 512 -12.23 -4.32 -20.40
C SER A 512 -12.54 -4.43 -21.89
N LEU A 513 -11.52 -4.17 -22.73
CA LEU A 513 -11.61 -4.32 -24.17
C LEU A 513 -10.71 -5.52 -24.49
N ASN A 514 -11.36 -6.64 -24.80
CA ASN A 514 -10.75 -7.93 -25.14
C ASN A 514 -11.71 -8.68 -26.04
N LEU A 515 -11.38 -9.94 -26.39
CA LEU A 515 -12.22 -10.78 -27.27
C LEU A 515 -13.57 -11.12 -26.66
N LYS A 516 -13.70 -11.08 -25.36
CA LYS A 516 -14.96 -11.37 -24.70
C LYS A 516 -15.84 -10.11 -24.74
N PRO A 517 -17.18 -10.20 -24.53
CA PRO A 517 -17.98 -8.96 -24.52
C PRO A 517 -17.56 -8.03 -23.40
N LEU A 518 -17.93 -6.75 -23.53
CA LEU A 518 -17.61 -5.73 -22.53
C LEU A 518 -17.90 -6.20 -21.12
N GLU A 519 -16.92 -6.02 -20.24
CA GLU A 519 -17.03 -6.30 -18.80
C GLU A 519 -16.75 -4.98 -18.08
N VAL A 520 -17.59 -4.62 -17.09
CA VAL A 520 -17.48 -3.38 -16.32
C VAL A 520 -16.72 -3.63 -15.04
N ARG A 521 -15.66 -2.86 -14.84
CA ARG A 521 -14.80 -2.94 -13.66
C ARG A 521 -14.84 -1.62 -12.89
N ARG A 522 -14.52 -1.67 -11.58
N ARG A 522 -14.51 -1.67 -11.58
CA ARG A 522 -14.52 -0.53 -10.66
CA ARG A 522 -14.52 -0.52 -10.67
C ARG A 522 -13.11 -0.20 -10.14
C ARG A 522 -13.10 -0.20 -10.15
N GLY A 523 -12.74 1.08 -10.23
CA GLY A 523 -11.44 1.60 -9.78
C GLY A 523 -10.27 1.26 -10.68
N LEU A 524 -9.58 2.30 -11.17
CA LEU A 524 -8.42 2.14 -12.01
C LEU A 524 -7.18 2.14 -11.15
N ARG A 525 -6.65 0.93 -10.84
CA ARG A 525 -5.52 0.68 -9.92
C ARG A 525 -5.61 1.63 -8.73
N ALA A 526 -6.83 1.80 -8.20
CA ALA A 526 -7.17 2.73 -7.14
C ALA A 526 -6.16 2.78 -5.96
N GLN A 527 -5.85 1.67 -5.23
CA GLN A 527 -4.86 1.73 -4.13
C GLN A 527 -3.51 2.19 -4.58
N THR A 528 -2.98 1.57 -5.64
CA THR A 528 -1.67 1.87 -6.21
C THR A 528 -1.59 3.31 -6.73
N CYS A 529 -2.64 3.79 -7.38
CA CYS A 529 -2.61 5.14 -7.90
C CYS A 529 -2.79 6.19 -6.81
N ALA A 530 -3.39 5.82 -5.66
CA ALA A 530 -3.44 6.73 -4.51
C ALA A 530 -2.01 6.91 -3.99
N PHE A 531 -1.18 5.85 -4.12
CA PHE A 531 0.23 5.90 -3.77
C PHE A 531 0.97 6.92 -4.63
N TRP A 532 0.87 6.82 -5.96
CA TRP A 532 1.56 7.73 -6.89
C TRP A 532 0.99 9.13 -6.93
N ASN A 533 -0.34 9.25 -6.98
CA ASN A 533 -1.03 10.52 -7.12
C ASN A 533 -1.25 11.28 -5.84
N ARG A 534 -1.41 10.60 -4.70
CA ARG A 534 -1.63 11.28 -3.44
C ARG A 534 -0.44 11.24 -2.50
N PHE A 535 0.22 10.08 -2.38
CA PHE A 535 1.29 9.98 -1.40
C PHE A 535 2.62 10.51 -1.88
N LEU A 536 3.20 9.92 -2.94
CA LEU A 536 4.51 10.32 -3.45
C LEU A 536 4.70 11.83 -3.61
N PRO A 537 3.72 12.64 -4.14
CA PRO A 537 3.94 14.10 -4.19
C PRO A 537 4.21 14.69 -2.80
N LYS A 538 3.43 14.28 -1.77
CA LYS A 538 3.60 14.71 -0.37
C LYS A 538 4.93 14.27 0.21
N LEU A 539 5.53 13.23 -0.34
CA LEU A 539 6.82 12.74 0.11
C LEU A 539 7.93 13.58 -0.49
N LEU A 540 7.75 14.05 -1.75
CA LEU A 540 8.74 14.91 -2.38
C LEU A 540 8.56 16.42 -2.03
N SER A 541 7.34 16.81 -1.55
CA SER A 541 6.99 18.19 -1.12
C SER A 541 7.52 18.48 0.30
N ALA A 542 7.83 17.41 1.06
CA ALA A 542 8.37 17.44 2.43
C ALA A 542 9.81 16.86 2.48
N THR A 543 10.27 16.23 1.37
CA THR A 543 11.61 15.60 1.27
C THR A 543 11.97 15.37 -0.20
N ARG B 3 -10.38 -34.11 60.96
CA ARG B 3 -9.62 -34.75 59.91
C ARG B 3 -9.27 -33.76 58.81
N GLU B 4 -8.05 -33.88 58.24
CA GLU B 4 -7.55 -33.01 57.16
C GLU B 4 -7.26 -33.83 55.89
N ASP B 5 -7.57 -33.28 54.69
CA ASP B 5 -7.32 -33.96 53.41
C ASP B 5 -5.82 -33.90 53.09
N PRO B 6 -5.11 -35.05 53.04
CA PRO B 6 -3.66 -35.01 52.79
C PRO B 6 -3.29 -34.43 51.44
N GLN B 7 -4.18 -34.54 50.45
CA GLN B 7 -3.99 -33.96 49.13
C GLN B 7 -4.04 -32.40 49.18
N LEU B 8 -4.51 -31.83 50.30
CA LEU B 8 -4.62 -30.38 50.46
C LEU B 8 -3.51 -29.82 51.34
N LEU B 9 -2.60 -30.69 51.79
CA LEU B 9 -1.46 -30.29 52.59
C LEU B 9 -0.16 -30.38 51.81
N VAL B 10 0.51 -29.22 51.67
CA VAL B 10 1.79 -29.13 50.99
C VAL B 10 2.80 -28.39 51.88
N ARG B 11 4.05 -28.88 51.90
CA ARG B 11 5.14 -28.22 52.58
C ARG B 11 6.04 -27.61 51.52
N VAL B 12 6.06 -26.29 51.48
CA VAL B 12 6.90 -25.50 50.58
C VAL B 12 8.07 -24.98 51.44
N ARG B 13 9.16 -24.50 50.82
CA ARG B 13 10.34 -24.03 51.56
C ARG B 13 10.03 -23.06 52.72
N GLY B 14 8.97 -22.26 52.58
CA GLY B 14 8.54 -21.28 53.58
C GLY B 14 7.70 -21.85 54.70
N GLY B 15 7.20 -23.07 54.53
CA GLY B 15 6.40 -23.75 55.53
C GLY B 15 5.22 -24.52 54.96
N GLN B 16 4.19 -24.75 55.78
CA GLN B 16 3.02 -25.50 55.36
C GLN B 16 1.89 -24.63 54.84
N LEU B 17 1.14 -25.21 53.89
CA LEU B 17 0.00 -24.60 53.24
C LEU B 17 -1.17 -25.57 53.23
N ARG B 18 -2.40 -25.02 53.24
CA ARG B 18 -3.64 -25.78 53.12
C ARG B 18 -4.41 -25.22 51.93
N GLY B 19 -4.61 -26.06 50.93
CA GLY B 19 -5.39 -25.70 49.75
C GLY B 19 -6.84 -26.10 49.91
N ILE B 20 -7.60 -25.93 48.85
CA ILE B 20 -9.03 -26.21 48.81
C ILE B 20 -9.34 -27.13 47.64
N ARG B 21 -10.26 -28.07 47.84
CA ARG B 21 -10.72 -28.96 46.77
C ARG B 21 -11.82 -28.22 46.04
N LEU B 22 -11.58 -27.98 44.76
CA LEU B 22 -12.50 -27.27 43.90
C LEU B 22 -13.12 -28.24 42.93
N LYS B 23 -14.38 -27.96 42.58
CA LYS B 23 -15.13 -28.76 41.60
C LYS B 23 -14.96 -28.18 40.21
N ALA B 24 -14.53 -29.01 39.27
CA ALA B 24 -14.38 -28.71 37.86
C ALA B 24 -15.45 -29.61 37.18
N PRO B 25 -15.91 -29.34 35.93
CA PRO B 25 -16.95 -30.18 35.33
C PRO B 25 -16.72 -31.70 35.41
N GLY B 26 -15.52 -32.13 35.05
CA GLY B 26 -15.15 -33.55 34.98
C GLY B 26 -14.65 -34.20 36.26
N GLY B 27 -14.49 -33.41 37.32
CA GLY B 27 -14.04 -33.93 38.61
C GLY B 27 -13.32 -32.92 39.47
N PRO B 28 -12.75 -33.33 40.62
CA PRO B 28 -12.09 -32.35 41.51
C PRO B 28 -10.69 -31.94 41.11
N VAL B 29 -10.24 -30.80 41.67
CA VAL B 29 -8.89 -30.24 41.51
C VAL B 29 -8.44 -29.72 42.86
N SER B 30 -7.10 -29.66 43.10
CA SER B 30 -6.53 -29.09 44.33
C SER B 30 -6.04 -27.68 43.97
N ALA B 31 -6.55 -26.64 44.67
CA ALA B 31 -6.18 -25.25 44.47
C ALA B 31 -5.49 -24.68 45.70
N PHE B 32 -4.36 -24.00 45.49
CA PHE B 32 -3.56 -23.36 46.52
C PHE B 32 -3.51 -21.89 46.11
N LEU B 33 -4.46 -21.11 46.62
CA LEU B 33 -4.65 -19.70 46.28
C LEU B 33 -4.11 -18.75 47.33
N GLY B 34 -3.48 -17.67 46.90
CA GLY B 34 -2.94 -16.68 47.83
C GLY B 34 -1.67 -17.07 48.56
N ILE B 35 -0.78 -17.86 47.92
CA ILE B 35 0.52 -18.24 48.49
C ILE B 35 1.42 -16.99 48.43
N PRO B 36 1.95 -16.46 49.55
CA PRO B 36 2.85 -15.30 49.43
C PRO B 36 4.21 -15.70 48.84
N PHE B 37 4.71 -14.95 47.85
CA PHE B 37 6.02 -15.29 47.28
C PHE B 37 7.06 -14.24 47.59
N ALA B 38 6.60 -13.05 48.05
CA ALA B 38 7.45 -11.94 48.41
C ALA B 38 7.00 -11.25 49.69
N GLU B 39 7.91 -10.49 50.31
CA GLU B 39 7.62 -9.66 51.45
C GLU B 39 6.65 -8.56 50.95
N PRO B 40 5.54 -8.23 51.67
CA PRO B 40 4.61 -7.18 51.15
C PRO B 40 5.35 -5.89 50.75
N PRO B 41 5.29 -5.47 49.46
CA PRO B 41 6.09 -4.29 49.03
C PRO B 41 5.46 -2.94 49.39
N VAL B 42 5.29 -2.73 50.68
CA VAL B 42 4.66 -1.56 51.31
C VAL B 42 5.71 -0.69 52.04
N GLY B 43 5.32 0.54 52.38
CA GLY B 43 6.17 1.51 53.08
C GLY B 43 7.39 1.88 52.27
N SER B 44 8.56 1.64 52.86
CA SER B 44 9.89 1.90 52.30
C SER B 44 10.18 0.97 51.14
N ARG B 45 9.42 -0.14 51.03
CA ARG B 45 9.58 -1.11 49.96
C ARG B 45 8.82 -0.71 48.69
N ARG B 46 7.99 0.37 48.74
CA ARG B 46 7.28 0.82 47.53
C ARG B 46 8.32 1.26 46.51
N PHE B 47 8.13 0.85 45.23
CA PHE B 47 9.04 1.10 44.08
C PHE B 47 10.34 0.27 44.13
N MET B 48 10.55 -0.50 45.20
CA MET B 48 11.74 -1.31 45.36
C MET B 48 11.56 -2.73 44.80
N PRO B 49 12.69 -3.37 44.37
CA PRO B 49 12.61 -4.78 43.92
C PRO B 49 11.99 -5.68 45.01
N PRO B 50 11.28 -6.75 44.62
CA PRO B 50 10.70 -7.64 45.64
C PRO B 50 11.76 -8.37 46.44
N GLU B 51 11.45 -8.65 47.72
CA GLU B 51 12.33 -9.46 48.56
C GLU B 51 11.60 -10.78 48.80
N PRO B 52 12.31 -11.92 48.82
CA PRO B 52 11.62 -13.21 49.07
C PRO B 52 10.85 -13.24 50.38
N LYS B 53 9.69 -13.90 50.36
CA LYS B 53 8.82 -14.04 51.55
C LYS B 53 9.57 -14.78 52.66
N ARG B 54 9.46 -14.26 53.89
CA ARG B 54 10.12 -14.92 55.00
C ARG B 54 9.31 -16.17 55.39
N PRO B 55 9.96 -17.24 55.94
CA PRO B 55 9.20 -18.41 56.41
C PRO B 55 8.10 -18.09 57.45
N TRP B 56 7.06 -18.95 57.49
CA TRP B 56 5.95 -18.80 58.43
C TRP B 56 5.78 -20.04 59.30
N SER B 57 5.10 -19.82 60.44
CA SER B 57 4.78 -20.86 61.42
C SER B 57 3.41 -21.44 61.04
N GLY B 58 3.12 -22.63 61.55
CA GLY B 58 1.86 -23.33 61.30
C GLY B 58 1.54 -23.61 59.85
N VAL B 59 0.23 -23.78 59.59
CA VAL B 59 -0.34 -24.08 58.28
C VAL B 59 -1.02 -22.81 57.79
N LEU B 60 -0.47 -22.23 56.70
CA LEU B 60 -0.99 -21.01 56.09
C LEU B 60 -2.18 -21.37 55.23
N ASP B 61 -3.31 -20.67 55.43
CA ASP B 61 -4.53 -20.92 54.68
C ASP B 61 -4.41 -20.38 53.24
N ALA B 62 -4.43 -21.30 52.26
CA ALA B 62 -4.32 -20.98 50.82
C ALA B 62 -5.59 -21.44 50.08
N THR B 63 -6.76 -21.09 50.63
CA THR B 63 -8.07 -21.48 50.10
C THR B 63 -8.81 -20.38 49.39
N THR B 64 -8.31 -19.11 49.47
CA THR B 64 -8.95 -17.95 48.84
C THR B 64 -7.98 -17.08 48.07
N PHE B 65 -8.47 -16.35 47.05
CA PHE B 65 -7.63 -15.41 46.32
C PHE B 65 -7.29 -14.27 47.24
N GLN B 66 -6.07 -13.79 47.08
CA GLN B 66 -5.54 -12.68 47.83
C GLN B 66 -5.84 -11.36 47.14
N ASN B 67 -5.37 -10.27 47.76
CA ASN B 67 -5.58 -8.94 47.25
C ASN B 67 -4.96 -8.72 45.88
N VAL B 68 -5.67 -7.91 45.13
CA VAL B 68 -5.34 -7.43 43.82
C VAL B 68 -4.43 -6.22 44.03
N CYS B 69 -3.32 -6.15 43.28
CA CYS B 69 -2.37 -5.03 43.31
C CYS B 69 -3.06 -3.70 43.07
N TYR B 70 -2.60 -2.66 43.79
CA TYR B 70 -3.23 -1.36 43.70
C TYR B 70 -3.19 -0.83 42.26
N GLN B 71 -4.40 -0.50 41.74
CA GLN B 71 -4.60 -0.09 40.36
C GLN B 71 -5.86 0.76 40.13
N TYR B 72 -5.90 1.40 38.95
CA TYR B 72 -7.00 2.20 38.44
C TYR B 72 -8.17 1.27 38.14
N VAL B 73 -9.38 1.69 38.51
CA VAL B 73 -10.59 0.90 38.26
C VAL B 73 -11.39 1.58 37.16
N ASP B 74 -11.64 0.83 36.08
CA ASP B 74 -12.37 1.30 34.91
C ASP B 74 -13.84 1.54 35.20
N THR B 75 -14.25 2.77 34.91
CA THR B 75 -15.59 3.31 35.15
C THR B 75 -16.23 3.81 33.85
N LEU B 76 -15.77 3.28 32.68
CA LEU B 76 -16.30 3.71 31.37
C LEU B 76 -17.78 3.36 31.21
N TYR B 77 -18.10 2.07 31.42
CA TYR B 77 -19.46 1.54 31.33
C TYR B 77 -19.75 0.87 32.68
N PRO B 78 -20.21 1.65 33.67
CA PRO B 78 -20.44 1.10 35.02
C PRO B 78 -21.56 0.05 35.10
N GLY B 79 -21.21 -1.12 35.66
CA GLY B 79 -22.11 -2.26 35.79
C GLY B 79 -22.15 -3.19 34.57
N PHE B 80 -21.53 -2.77 33.45
CA PHE B 80 -21.49 -3.54 32.21
C PHE B 80 -20.48 -4.66 32.32
N GLU B 81 -20.92 -5.90 32.09
CA GLU B 81 -20.13 -7.14 32.15
C GLU B 81 -18.85 -7.05 31.32
N GLY B 82 -18.96 -6.48 30.11
CA GLY B 82 -17.83 -6.31 29.19
C GLY B 82 -16.63 -5.60 29.76
N THR B 83 -16.85 -4.59 30.64
CA THR B 83 -15.79 -3.84 31.29
C THR B 83 -15.45 -4.44 32.67
N GLU B 84 -16.50 -4.71 33.47
CA GLU B 84 -16.42 -5.25 34.81
C GLU B 84 -15.61 -6.52 34.95
N MET B 85 -15.64 -7.41 33.94
CA MET B 85 -14.93 -8.71 33.99
C MET B 85 -13.40 -8.58 34.07
N TRP B 86 -12.87 -7.42 33.71
CA TRP B 86 -11.45 -7.11 33.65
C TRP B 86 -11.01 -6.35 34.91
N ASN B 87 -12.00 -5.86 35.69
CA ASN B 87 -11.84 -5.06 36.89
C ASN B 87 -11.51 -5.88 38.12
N PRO B 88 -10.84 -5.30 39.12
CA PRO B 88 -10.51 -6.09 40.33
C PRO B 88 -11.73 -6.78 40.94
N ASN B 89 -11.56 -8.07 41.27
CA ASN B 89 -12.59 -8.91 41.88
C ASN B 89 -12.23 -9.20 43.33
N ARG B 90 -11.13 -8.61 43.84
CA ARG B 90 -10.76 -8.70 45.25
C ARG B 90 -10.37 -7.29 45.71
N GLU B 91 -10.17 -7.12 47.02
CA GLU B 91 -9.77 -5.86 47.62
C GLU B 91 -8.44 -5.39 47.02
N LEU B 92 -8.35 -4.07 46.79
CA LEU B 92 -7.11 -3.48 46.31
C LEU B 92 -6.18 -3.29 47.51
N SER B 93 -4.90 -3.59 47.29
CA SER B 93 -3.85 -3.46 48.30
C SER B 93 -2.51 -3.49 47.65
N GLU B 94 -1.56 -2.76 48.28
CA GLU B 94 -0.16 -2.74 47.90
C GLU B 94 0.51 -4.05 48.33
N ASP B 95 -0.16 -4.79 49.26
CA ASP B 95 0.24 -6.07 49.77
C ASP B 95 -0.55 -7.03 48.92
N CYS B 96 0.06 -7.43 47.81
CA CYS B 96 -0.59 -8.20 46.76
C CYS B 96 0.32 -9.27 46.12
N LEU B 97 1.57 -9.42 46.62
CA LEU B 97 2.53 -10.34 46.00
C LEU B 97 2.29 -11.81 46.39
N TYR B 98 1.22 -12.36 45.79
CA TYR B 98 0.77 -13.73 46.04
C TYR B 98 0.59 -14.48 44.73
N LEU B 99 0.73 -15.81 44.80
CA LEU B 99 0.53 -16.64 43.63
C LEU B 99 -0.49 -17.74 43.90
N ASN B 100 -1.03 -18.30 42.81
CA ASN B 100 -2.02 -19.36 42.85
C ASN B 100 -1.48 -20.57 42.10
N VAL B 101 -1.84 -21.77 42.56
CA VAL B 101 -1.45 -23.06 41.96
C VAL B 101 -2.70 -23.94 41.86
N TRP B 102 -2.97 -24.50 40.66
CA TRP B 102 -4.02 -25.51 40.42
C TRP B 102 -3.32 -26.78 39.98
N THR B 103 -3.66 -27.91 40.60
CA THR B 103 -3.09 -29.22 40.24
C THR B 103 -4.21 -30.23 40.15
N PRO B 104 -4.02 -31.35 39.42
CA PRO B 104 -5.05 -32.41 39.43
C PRO B 104 -5.28 -32.94 40.85
N TYR B 105 -6.47 -33.46 41.12
CA TYR B 105 -6.83 -34.09 42.38
C TYR B 105 -7.17 -35.56 42.06
N PRO B 106 -6.41 -36.55 42.59
CA PRO B 106 -5.23 -36.42 43.45
C PRO B 106 -4.02 -35.85 42.69
N ARG B 107 -3.06 -35.25 43.45
CA ARG B 107 -1.76 -34.68 43.06
C ARG B 107 -1.06 -35.66 42.08
N PRO B 108 -0.52 -35.23 40.91
CA PRO B 108 0.12 -36.20 40.01
C PRO B 108 1.25 -37.02 40.63
N ALA B 109 1.33 -38.31 40.24
CA ALA B 109 2.33 -39.25 40.73
C ALA B 109 3.72 -38.98 40.12
N SER B 110 3.72 -38.49 38.86
CA SER B 110 4.94 -38.16 38.13
C SER B 110 5.08 -36.63 37.89
N PRO B 111 6.32 -36.09 37.77
CA PRO B 111 6.50 -34.65 37.44
C PRO B 111 5.72 -34.22 36.18
N THR B 112 4.85 -33.23 36.37
CA THR B 112 3.93 -32.74 35.35
C THR B 112 4.34 -31.41 34.75
N PRO B 113 4.23 -31.22 33.41
CA PRO B 113 4.53 -29.89 32.84
C PRO B 113 3.74 -28.78 33.53
N VAL B 114 4.44 -27.65 33.78
CA VAL B 114 3.90 -26.48 34.46
C VAL B 114 3.59 -25.36 33.48
N LEU B 115 2.39 -24.77 33.62
CA LEU B 115 1.99 -23.61 32.84
C LEU B 115 1.88 -22.41 33.77
N ILE B 116 2.66 -21.35 33.50
CA ILE B 116 2.62 -20.12 34.28
C ILE B 116 1.96 -19.01 33.50
N TRP B 117 0.81 -18.55 33.98
CA TRP B 117 0.05 -17.44 33.40
C TRP B 117 0.50 -16.07 33.95
N ILE B 118 0.71 -15.11 33.04
CA ILE B 118 1.06 -13.71 33.36
C ILE B 118 -0.05 -12.84 32.75
N TYR B 119 -0.92 -12.26 33.58
CA TYR B 119 -2.05 -11.45 33.06
C TYR B 119 -1.63 -10.17 32.32
N GLY B 120 -2.53 -9.63 31.51
CA GLY B 120 -2.40 -8.35 30.83
C GLY B 120 -3.16 -7.25 31.56
N GLY B 121 -3.27 -6.10 30.92
CA GLY B 121 -3.91 -4.91 31.47
C GLY B 121 -3.02 -3.68 31.42
N GLY B 122 -2.26 -3.57 30.32
CA GLY B 122 -1.33 -2.49 30.00
C GLY B 122 -0.32 -2.10 31.03
N PHE B 123 0.09 -3.04 31.90
CA PHE B 123 1.00 -2.84 33.05
C PHE B 123 0.42 -1.84 34.05
N TYR B 124 -0.88 -1.55 33.97
CA TYR B 124 -1.52 -0.60 34.90
C TYR B 124 -2.62 -1.26 35.71
N SER B 125 -3.07 -2.44 35.23
CA SER B 125 -4.16 -3.19 35.79
C SER B 125 -3.95 -4.69 35.56
N GLY B 126 -4.89 -5.46 36.10
CA GLY B 126 -4.95 -6.92 36.04
C GLY B 126 -4.88 -7.54 37.40
N ALA B 127 -5.17 -8.84 37.45
CA ALA B 127 -5.17 -9.67 38.67
C ALA B 127 -5.23 -11.11 38.22
N ALA B 128 -4.60 -12.03 38.98
CA ALA B 128 -4.58 -13.46 38.61
C ALA B 128 -5.83 -14.24 39.08
N SER B 129 -6.75 -13.50 39.73
CA SER B 129 -8.02 -13.95 40.32
C SER B 129 -9.23 -13.82 39.42
N LEU B 130 -9.08 -13.19 38.25
CA LEU B 130 -10.15 -12.98 37.30
C LEU B 130 -10.72 -14.29 36.80
N ASP B 131 -12.05 -14.41 36.73
CA ASP B 131 -12.74 -15.63 36.27
C ASP B 131 -12.13 -16.30 35.04
N VAL B 132 -11.73 -15.51 34.00
CA VAL B 132 -11.18 -16.02 32.74
C VAL B 132 -9.76 -16.62 32.90
N TYR B 133 -9.11 -16.43 34.07
CA TYR B 133 -7.77 -16.96 34.33
C TYR B 133 -7.84 -18.19 35.24
N ASP B 134 -9.05 -18.76 35.45
CA ASP B 134 -9.30 -19.94 36.28
C ASP B 134 -8.58 -21.19 35.72
N GLY B 135 -7.60 -21.70 36.49
CA GLY B 135 -6.78 -22.84 36.09
C GLY B 135 -7.40 -24.22 36.28
N ARG B 136 -8.60 -24.24 36.82
CA ARG B 136 -9.38 -25.40 37.17
C ARG B 136 -9.49 -26.43 36.04
N PHE B 137 -9.93 -25.98 34.88
CA PHE B 137 -10.20 -26.79 33.69
C PHE B 137 -8.97 -27.41 33.09
N LEU B 138 -7.89 -26.61 32.96
CA LEU B 138 -6.63 -27.07 32.40
C LEU B 138 -6.03 -28.17 33.27
N ALA B 139 -6.09 -27.98 34.59
CA ALA B 139 -5.64 -28.92 35.60
C ALA B 139 -6.44 -30.22 35.55
N GLN B 140 -7.79 -30.12 35.55
CA GLN B 140 -8.65 -31.29 35.54
C GLN B 140 -8.60 -32.06 34.23
N VAL B 141 -8.87 -31.37 33.10
CA VAL B 141 -8.97 -31.99 31.80
C VAL B 141 -7.63 -32.41 31.21
N GLU B 142 -6.60 -31.56 31.34
CA GLU B 142 -5.30 -31.85 30.74
C GLU B 142 -4.22 -32.35 31.71
N GLY B 143 -4.58 -32.41 33.00
CA GLY B 143 -3.67 -32.88 34.05
C GLY B 143 -2.47 -31.98 34.26
N ALA B 144 -2.65 -30.67 33.99
CA ALA B 144 -1.59 -29.69 34.10
C ALA B 144 -1.48 -29.03 35.46
N VAL B 145 -0.26 -28.59 35.81
CA VAL B 145 -0.02 -27.82 37.01
C VAL B 145 -0.02 -26.36 36.48
N LEU B 146 -1.05 -25.60 36.89
CA LEU B 146 -1.19 -24.23 36.45
C LEU B 146 -0.90 -23.23 37.56
N VAL B 147 0.07 -22.31 37.31
CA VAL B 147 0.48 -21.27 38.27
C VAL B 147 0.16 -19.90 37.68
N SER B 148 -0.36 -18.96 38.52
CA SER B 148 -0.59 -17.57 38.14
C SER B 148 -0.19 -16.68 39.34
N MET B 149 0.43 -15.52 39.12
CA MET B 149 0.86 -14.62 40.18
C MET B 149 0.31 -13.23 39.99
N ASN B 150 0.37 -12.47 41.02
CA ASN B 150 0.07 -11.06 40.96
C ASN B 150 1.44 -10.37 40.91
N TYR B 151 1.56 -9.35 40.08
CA TYR B 151 2.74 -8.50 40.00
C TYR B 151 2.25 -7.06 40.08
N ARG B 152 3.08 -6.17 40.62
CA ARG B 152 2.73 -4.76 40.80
C ARG B 152 2.58 -4.08 39.46
N VAL B 153 1.52 -3.31 39.34
CA VAL B 153 1.15 -2.56 38.15
C VAL B 153 1.16 -1.05 38.44
N GLY B 154 1.17 -0.25 37.39
CA GLY B 154 1.15 1.20 37.43
C GLY B 154 2.40 1.79 38.02
N THR B 155 2.24 2.88 38.79
CA THR B 155 3.37 3.54 39.45
C THR B 155 4.08 2.54 40.35
N PHE B 156 3.33 1.73 41.10
CA PHE B 156 3.87 0.74 42.04
C PHE B 156 4.78 -0.31 41.41
N GLY B 157 4.47 -0.75 40.19
CA GLY B 157 5.32 -1.73 39.55
C GLY B 157 6.34 -1.17 38.59
N PHE B 158 6.10 0.04 38.05
CA PHE B 158 6.93 0.52 36.96
C PHE B 158 7.37 1.99 37.00
N LEU B 159 7.01 2.77 38.05
CA LEU B 159 7.55 4.12 38.19
C LEU B 159 9.05 3.96 38.47
N ALA B 160 9.88 4.58 37.63
CA ALA B 160 11.33 4.51 37.69
C ALA B 160 12.01 5.86 37.61
N LEU B 161 13.07 6.02 38.42
CA LEU B 161 13.96 7.16 38.31
C LEU B 161 15.27 6.48 37.93
N PRO B 162 15.46 6.22 36.59
CA PRO B 162 16.57 5.34 36.16
C PRO B 162 17.95 5.74 36.67
N GLY B 163 18.61 4.75 37.24
CA GLY B 163 19.94 4.91 37.81
C GLY B 163 19.90 5.07 39.32
N SER B 164 18.69 5.27 39.88
CA SER B 164 18.54 5.39 41.32
C SER B 164 18.48 3.99 41.94
N ARG B 165 18.69 3.91 43.25
CA ARG B 165 18.66 2.65 43.99
C ARG B 165 17.22 2.38 44.51
N GLU B 166 16.52 3.46 44.89
CA GLU B 166 15.19 3.49 45.51
C GLU B 166 14.03 3.23 44.53
N ALA B 167 14.19 3.61 43.25
CA ALA B 167 13.19 3.40 42.19
C ALA B 167 13.90 3.01 40.87
N PRO B 168 14.48 1.79 40.78
CA PRO B 168 15.20 1.44 39.54
C PRO B 168 14.33 1.12 38.32
N GLY B 169 13.05 0.86 38.56
CA GLY B 169 12.08 0.51 37.54
C GLY B 169 12.08 -0.98 37.25
N ASN B 170 11.04 -1.44 36.53
CA ASN B 170 10.83 -2.85 36.13
C ASN B 170 10.56 -3.78 37.30
N VAL B 171 10.17 -3.23 38.48
CA VAL B 171 9.98 -4.04 39.70
C VAL B 171 8.80 -5.00 39.55
N GLY B 172 7.81 -4.63 38.73
CA GLY B 172 6.70 -5.52 38.42
C GLY B 172 7.18 -6.74 37.65
N LEU B 173 8.23 -6.59 36.85
CA LEU B 173 8.82 -7.68 36.07
C LEU B 173 9.64 -8.55 37.01
N LEU B 174 10.23 -7.93 38.03
CA LEU B 174 10.98 -8.63 39.07
C LEU B 174 10.06 -9.46 39.95
N ASP B 175 8.85 -8.94 40.24
CA ASP B 175 7.84 -9.68 41.01
C ASP B 175 7.54 -10.99 40.25
N GLN B 176 7.32 -10.89 38.92
CA GLN B 176 7.08 -12.02 38.03
C GLN B 176 8.29 -12.98 38.05
N ARG B 177 9.54 -12.43 37.92
CA ARG B 177 10.77 -13.25 38.02
C ARG B 177 10.85 -14.00 39.37
N LEU B 178 10.45 -13.33 40.48
CA LEU B 178 10.46 -13.98 41.80
C LEU B 178 9.47 -15.13 41.88
N ALA B 179 8.27 -14.99 41.24
CA ALA B 179 7.25 -16.06 41.21
C ALA B 179 7.77 -17.25 40.38
N LEU B 180 8.52 -16.96 39.31
CA LEU B 180 9.17 -17.96 38.45
C LEU B 180 10.21 -18.74 39.30
N GLN B 181 11.04 -18.04 40.13
CA GLN B 181 12.04 -18.67 41.03
C GLN B 181 11.34 -19.55 42.06
N TRP B 182 10.21 -19.04 42.61
CA TRP B 182 9.39 -19.76 43.56
C TRP B 182 8.95 -21.10 42.98
N VAL B 183 8.54 -21.09 41.70
CA VAL B 183 8.10 -22.27 40.98
C VAL B 183 9.30 -23.27 40.91
N GLN B 184 10.48 -22.82 40.46
CA GLN B 184 11.69 -23.65 40.40
C GLN B 184 11.98 -24.38 41.69
N GLU B 185 11.84 -23.65 42.81
CA GLU B 185 12.13 -24.14 44.15
C GLU B 185 11.02 -24.96 44.82
N ASN B 186 9.74 -24.76 44.43
CA ASN B 186 8.61 -25.36 45.15
C ASN B 186 7.59 -26.12 44.36
N ILE B 187 7.59 -26.01 43.03
CA ILE B 187 6.54 -26.64 42.23
C ILE B 187 6.57 -28.18 42.35
N ALA B 188 7.76 -28.79 42.54
CA ALA B 188 7.90 -30.25 42.70
C ALA B 188 7.10 -30.79 43.87
N ALA B 189 6.78 -29.93 44.87
CA ALA B 189 5.98 -30.28 46.04
C ALA B 189 4.50 -30.46 45.68
N PHE B 190 4.08 -29.94 44.53
CA PHE B 190 2.71 -30.01 44.03
C PHE B 190 2.60 -31.05 42.91
N GLY B 191 3.74 -31.69 42.59
CA GLY B 191 3.85 -32.67 41.50
C GLY B 191 4.20 -32.07 40.15
N GLY B 192 4.51 -30.77 40.13
CA GLY B 192 4.91 -30.04 38.93
C GLY B 192 6.38 -30.29 38.59
N ASP B 193 6.71 -30.30 37.29
CA ASP B 193 8.06 -30.53 36.80
C ASP B 193 8.74 -29.18 36.67
N PRO B 194 9.75 -28.85 37.53
CA PRO B 194 10.45 -27.56 37.36
C PRO B 194 11.27 -27.53 36.07
N MET B 195 11.55 -28.71 35.50
CA MET B 195 12.31 -28.82 34.27
C MET B 195 11.45 -28.73 32.99
N SER B 196 10.15 -28.45 33.16
CA SER B 196 9.22 -28.24 32.07
C SER B 196 8.24 -27.14 32.47
N VAL B 197 8.69 -25.90 32.32
CA VAL B 197 7.93 -24.70 32.65
C VAL B 197 7.66 -23.89 31.39
N THR B 198 6.38 -23.67 31.08
CA THR B 198 5.94 -22.86 29.95
C THR B 198 5.30 -21.58 30.46
N LEU B 199 5.79 -20.45 29.99
CA LEU B 199 5.18 -19.17 30.35
C LEU B 199 4.11 -18.87 29.30
N PHE B 200 2.96 -18.35 29.75
CA PHE B 200 1.95 -17.88 28.82
C PHE B 200 1.28 -16.61 29.36
N GLY B 201 0.99 -15.70 28.45
CA GLY B 201 0.41 -14.43 28.82
C GLY B 201 -0.24 -13.79 27.63
N GLU B 202 -1.15 -12.84 27.91
CA GLU B 202 -1.87 -12.08 26.89
C GLU B 202 -1.68 -10.56 27.13
N SER B 203 -1.59 -9.76 26.02
CA SER B 203 -1.41 -8.31 26.00
C SER B 203 -0.14 -7.94 26.78
N ALA B 204 -0.24 -7.12 27.88
CA ALA B 204 0.93 -6.76 28.71
C ALA B 204 1.59 -8.03 29.29
N GLY B 205 0.79 -9.07 29.52
CA GLY B 205 1.25 -10.38 29.97
C GLY B 205 2.14 -11.05 28.94
N ALA B 206 1.80 -10.88 27.65
CA ALA B 206 2.56 -11.44 26.53
C ALA B 206 3.85 -10.65 26.35
N ALA B 207 3.79 -9.32 26.53
CA ALA B 207 4.96 -8.43 26.50
C ALA B 207 5.90 -8.84 27.59
N SER B 208 5.36 -9.14 28.82
CA SER B 208 6.10 -9.62 30.00
C SER B 208 6.81 -10.93 29.68
N VAL B 209 6.12 -11.89 29.09
CA VAL B 209 6.70 -13.17 28.64
C VAL B 209 7.94 -12.89 27.74
N GLY B 210 7.77 -11.98 26.75
CA GLY B 210 8.84 -11.58 25.84
C GLY B 210 10.02 -10.95 26.56
N MET B 211 9.74 -10.14 27.57
CA MET B 211 10.81 -9.54 28.34
C MET B 211 11.58 -10.55 29.16
N HIS B 212 10.93 -11.66 29.59
CA HIS B 212 11.61 -12.76 30.25
C HIS B 212 12.49 -13.53 29.26
N ILE B 213 12.09 -13.59 27.97
CA ILE B 213 12.88 -14.22 26.90
C ILE B 213 14.18 -13.43 26.68
N LEU B 214 14.07 -12.09 26.74
CA LEU B 214 15.15 -11.16 26.46
C LEU B 214 16.00 -10.76 27.65
N SER B 215 15.68 -11.28 28.86
CA SER B 215 16.45 -11.00 30.08
C SER B 215 17.06 -12.30 30.56
N LEU B 216 18.40 -12.43 30.41
CA LEU B 216 19.20 -13.61 30.75
C LEU B 216 18.88 -14.21 32.15
N PRO B 217 18.74 -13.43 33.26
CA PRO B 217 18.42 -14.05 34.55
C PRO B 217 17.07 -14.79 34.61
N SER B 218 16.13 -14.50 33.69
CA SER B 218 14.81 -15.18 33.63
C SER B 218 14.88 -16.44 32.80
N ARG B 219 15.82 -16.48 31.84
CA ARG B 219 15.94 -17.59 30.89
C ARG B 219 16.18 -18.96 31.50
N SER B 220 16.75 -19.03 32.69
CA SER B 220 16.99 -20.29 33.40
C SER B 220 15.74 -20.75 34.19
N LEU B 221 14.66 -19.95 34.18
CA LEU B 221 13.44 -20.19 34.95
C LEU B 221 12.29 -20.79 34.15
N PHE B 222 12.42 -20.91 32.82
CA PHE B 222 11.39 -21.47 31.93
C PHE B 222 12.03 -22.06 30.68
N HIS B 223 11.29 -22.88 29.94
CA HIS B 223 11.78 -23.62 28.78
C HIS B 223 11.06 -23.28 27.47
N ARG B 224 9.80 -22.83 27.54
CA ARG B 224 8.95 -22.51 26.40
C ARG B 224 8.15 -21.27 26.73
N ALA B 225 7.58 -20.62 25.71
CA ALA B 225 6.83 -19.39 25.89
C ALA B 225 5.66 -19.23 24.92
N VAL B 226 4.58 -18.55 25.39
CA VAL B 226 3.34 -18.24 24.63
C VAL B 226 3.03 -16.76 24.79
N LEU B 227 3.01 -16.05 23.65
CA LEU B 227 2.75 -14.60 23.57
C LEU B 227 1.46 -14.38 22.81
N GLN B 228 0.37 -14.17 23.57
CA GLN B 228 -0.96 -13.98 23.01
C GLN B 228 -1.24 -12.50 22.89
N SER B 229 -1.32 -11.95 21.66
CA SER B 229 -1.69 -10.56 21.41
C SER B 229 -0.85 -9.53 22.17
N GLY B 230 0.45 -9.72 22.18
CA GLY B 230 1.40 -8.82 22.85
C GLY B 230 2.81 -9.27 22.62
N THR B 231 3.75 -8.30 22.67
CA THR B 231 5.17 -8.51 22.37
C THR B 231 6.04 -7.56 23.16
N PRO B 232 7.33 -7.88 23.41
CA PRO B 232 8.21 -6.91 24.13
C PRO B 232 8.56 -5.68 23.28
N ASN B 233 8.69 -5.88 21.95
CA ASN B 233 8.92 -4.85 20.94
C ASN B 233 7.59 -4.14 20.68
N GLY B 234 7.65 -3.00 19.99
CA GLY B 234 6.42 -2.28 19.70
C GLY B 234 6.30 -0.92 20.37
N PRO B 235 5.23 -0.18 20.03
CA PRO B 235 5.14 1.21 20.49
C PRO B 235 4.73 1.46 21.95
N TRP B 236 4.19 0.46 22.63
CA TRP B 236 3.63 0.66 23.95
C TRP B 236 4.29 -0.14 25.11
N ALA B 237 4.97 -1.28 24.83
CA ALA B 237 5.50 -2.19 25.86
C ALA B 237 6.65 -1.63 26.70
N THR B 238 7.43 -0.68 26.15
CA THR B 238 8.55 -0.10 26.89
C THR B 238 8.64 1.40 26.70
N VAL B 239 9.48 2.02 27.52
CA VAL B 239 9.83 3.44 27.43
C VAL B 239 11.34 3.53 27.65
N SER B 240 11.92 4.66 27.25
CA SER B 240 13.34 4.91 27.43
C SER B 240 13.54 5.37 28.87
N ALA B 241 14.80 5.34 29.34
CA ALA B 241 15.17 5.86 30.65
C ALA B 241 14.73 7.32 30.76
N GLY B 242 14.94 8.10 29.68
CA GLY B 242 14.57 9.51 29.59
C GLY B 242 13.08 9.76 29.75
N GLU B 243 12.27 9.00 29.01
CA GLU B 243 10.82 9.10 29.07
C GLU B 243 10.27 8.68 30.44
N ALA B 244 10.80 7.59 31.03
CA ALA B 244 10.40 7.13 32.38
C ALA B 244 10.76 8.19 33.42
N ARG B 245 11.96 8.80 33.31
CA ARG B 245 12.41 9.85 34.22
C ARG B 245 11.44 11.06 34.16
N ARG B 246 10.99 11.42 32.93
CA ARG B 246 10.10 12.53 32.67
C ARG B 246 8.74 12.34 33.34
N ARG B 247 8.13 11.17 33.11
CA ARG B 247 6.82 10.80 33.65
C ARG B 247 6.82 10.67 35.17
N ALA B 248 7.92 10.14 35.75
CA ALA B 248 8.06 9.98 37.21
C ALA B 248 8.15 11.35 37.86
N THR B 249 8.95 12.26 37.28
CA THR B 249 9.16 13.63 37.76
C THR B 249 7.87 14.43 37.67
N LEU B 250 7.08 14.23 36.59
CA LEU B 250 5.82 14.93 36.39
C LEU B 250 4.77 14.52 37.38
N LEU B 251 4.65 13.21 37.64
CA LEU B 251 3.68 12.69 38.61
C LEU B 251 4.04 13.20 40.01
N ALA B 252 5.35 13.20 40.37
CA ALA B 252 5.82 13.67 41.68
C ALA B 252 5.41 15.12 41.80
N ARG B 253 5.68 15.94 40.75
CA ARG B 253 5.28 17.33 40.69
C ARG B 253 3.75 17.41 40.91
N LEU B 254 2.97 16.57 40.19
CA LEU B 254 1.51 16.52 40.30
C LEU B 254 1.00 16.17 41.69
N VAL B 255 1.75 15.38 42.48
CA VAL B 255 1.30 15.00 43.84
C VAL B 255 1.93 15.90 44.93
N GLY B 256 2.39 17.10 44.53
CA GLY B 256 3.00 18.11 45.38
C GLY B 256 4.29 17.62 46.02
N CYS B 257 5.05 16.90 45.24
CA CYS B 257 6.23 16.15 45.63
C CYS B 257 7.43 16.52 44.71
N PRO B 258 8.57 17.01 45.21
CA PRO B 258 8.89 17.33 46.62
C PRO B 258 8.25 18.66 47.03
N PRO B 259 8.12 18.97 48.35
CA PRO B 259 7.50 20.25 48.79
C PRO B 259 7.72 21.47 47.88
N GLY B 264 14.73 17.70 43.13
CA GLY B 264 16.01 17.97 43.77
C GLY B 264 17.02 16.85 43.60
N ASN B 265 16.87 15.79 44.43
CA ASN B 265 17.67 14.56 44.47
C ASN B 265 16.70 13.41 44.16
N ASP B 266 17.20 12.27 43.60
CA ASP B 266 16.34 11.09 43.35
C ASP B 266 15.74 10.59 44.68
N THR B 267 16.61 10.40 45.71
CA THR B 267 16.28 9.96 47.08
C THR B 267 15.14 10.77 47.71
N GLU B 268 15.27 12.11 47.68
CA GLU B 268 14.33 13.11 48.22
C GLU B 268 12.92 12.93 47.59
N LEU B 269 12.87 12.88 46.26
CA LEU B 269 11.65 12.73 45.47
C LEU B 269 10.96 11.39 45.70
N ILE B 270 11.71 10.29 45.68
CA ILE B 270 11.17 8.95 45.91
C ILE B 270 10.64 8.82 47.34
N ALA B 271 11.36 9.37 48.34
CA ALA B 271 10.95 9.33 49.73
C ALA B 271 9.59 10.00 49.92
N CYS B 272 9.40 11.15 49.28
CA CYS B 272 8.15 11.90 49.35
C CYS B 272 7.03 11.17 48.60
N LEU B 273 7.35 10.48 47.48
CA LEU B 273 6.35 9.67 46.76
C LEU B 273 5.88 8.51 47.62
N ARG B 274 6.79 7.97 48.48
CA ARG B 274 6.52 6.87 49.43
C ARG B 274 5.60 7.29 50.54
N THR B 275 5.52 8.58 50.85
CA THR B 275 4.64 9.09 51.90
C THR B 275 3.21 9.29 51.41
N ARG B 276 2.98 9.13 50.11
CA ARG B 276 1.68 9.37 49.52
C ARG B 276 0.71 8.17 49.53
N PRO B 277 -0.56 8.39 49.94
CA PRO B 277 -1.56 7.31 49.81
C PRO B 277 -1.68 6.77 48.37
N ALA B 278 -1.75 5.44 48.20
CA ALA B 278 -1.86 4.73 46.91
C ALA B 278 -2.78 5.40 45.88
N GLN B 279 -4.02 5.74 46.28
CA GLN B 279 -5.02 6.37 45.40
C GLN B 279 -4.58 7.74 44.86
N ASP B 280 -3.71 8.46 45.63
CA ASP B 280 -3.16 9.76 45.21
C ASP B 280 -2.30 9.59 43.94
N LEU B 281 -1.48 8.52 43.89
CA LEU B 281 -0.63 8.15 42.76
C LEU B 281 -1.48 7.72 41.56
N VAL B 282 -2.55 6.96 41.80
CA VAL B 282 -3.46 6.51 40.75
C VAL B 282 -4.20 7.72 40.10
N ASP B 283 -4.70 8.66 40.94
CA ASP B 283 -5.39 9.90 40.53
C ASP B 283 -4.67 10.68 39.42
N HIS B 284 -3.33 10.68 39.46
CA HIS B 284 -2.51 11.41 38.48
C HIS B 284 -1.83 10.54 37.43
N GLU B 285 -1.88 9.21 37.61
CA GLU B 285 -1.27 8.24 36.70
C GLU B 285 -1.52 8.56 35.21
N TRP B 286 -2.76 8.89 34.85
CA TRP B 286 -3.10 9.13 33.46
C TRP B 286 -2.70 10.49 32.92
N HIS B 287 -2.38 11.44 33.78
CA HIS B 287 -2.02 12.80 33.37
C HIS B 287 -0.57 12.98 32.93
N VAL B 288 0.25 11.91 32.91
CA VAL B 288 1.67 12.05 32.55
C VAL B 288 1.98 11.63 31.09
N LEU B 289 0.95 11.19 30.33
CA LEU B 289 1.15 10.79 28.94
C LEU B 289 1.47 11.99 28.06
N PRO B 290 2.47 11.90 27.15
CA PRO B 290 2.86 13.07 26.36
C PRO B 290 1.82 13.65 25.40
N GLN B 291 0.89 12.81 24.90
CA GLN B 291 -0.15 13.21 23.93
C GLN B 291 -1.47 12.48 24.22
N GLU B 292 -2.57 13.00 23.63
CA GLU B 292 -3.91 12.40 23.62
C GLU B 292 -3.66 11.13 22.78
N SER B 293 -3.91 9.96 23.36
CA SER B 293 -3.62 8.68 22.74
C SER B 293 -4.52 7.59 23.23
N ILE B 294 -4.42 6.45 22.55
CA ILE B 294 -5.05 5.18 22.89
C ILE B 294 -3.94 4.15 22.71
N PHE B 295 -4.00 3.04 23.50
CA PHE B 295 -3.02 1.95 23.50
C PHE B 295 -1.64 2.45 23.96
N ARG B 296 -1.65 3.40 24.90
CA ARG B 296 -0.46 3.96 25.55
C ARG B 296 -0.72 3.94 27.05
N PHE B 297 0.29 3.49 27.80
CA PHE B 297 0.18 3.34 29.25
C PHE B 297 1.34 4.05 29.91
N SER B 298 1.02 4.82 30.97
CA SER B 298 1.95 5.68 31.70
C SER B 298 3.19 4.98 32.28
N PHE B 299 3.00 3.92 33.04
CA PHE B 299 4.14 3.26 33.70
C PHE B 299 4.26 1.85 33.23
N VAL B 300 5.26 1.63 32.38
CA VAL B 300 5.51 0.36 31.70
C VAL B 300 6.99 0.02 31.87
N PRO B 301 7.47 -1.18 31.46
CA PRO B 301 8.91 -1.47 31.58
C PRO B 301 9.81 -0.41 30.94
N VAL B 302 10.94 -0.13 31.57
CA VAL B 302 11.91 0.86 31.09
C VAL B 302 13.17 0.19 30.51
N VAL B 303 13.76 0.79 29.48
CA VAL B 303 15.00 0.26 28.92
C VAL B 303 16.08 0.83 29.85
N ASP B 304 16.37 0.06 30.88
CA ASP B 304 17.27 0.41 31.98
C ASP B 304 18.75 0.03 31.78
N GLY B 305 19.04 -0.88 30.85
CA GLY B 305 20.39 -1.39 30.66
C GLY B 305 20.75 -2.43 31.70
N ASP B 306 19.71 -2.93 32.44
CA ASP B 306 19.82 -3.95 33.49
C ASP B 306 18.86 -5.11 33.18
N PHE B 307 17.56 -5.02 33.59
CA PHE B 307 16.57 -6.06 33.25
C PHE B 307 16.58 -6.20 31.73
N LEU B 308 16.50 -5.04 31.03
CA LEU B 308 16.56 -4.93 29.58
C LEU B 308 17.87 -4.25 29.21
N SER B 309 18.88 -5.06 28.81
CA SER B 309 20.24 -4.61 28.46
C SER B 309 20.29 -3.60 27.28
N ASP B 310 19.29 -3.65 26.42
CA ASP B 310 19.10 -2.77 25.26
C ASP B 310 17.59 -2.74 24.95
N THR B 311 17.20 -2.00 23.91
CA THR B 311 15.78 -1.95 23.51
C THR B 311 15.31 -3.35 23.06
N PRO B 312 14.05 -3.75 23.34
CA PRO B 312 13.59 -5.08 22.85
C PRO B 312 13.86 -5.29 21.36
N GLU B 313 13.72 -4.23 20.53
CA GLU B 313 14.00 -4.25 19.09
C GLU B 313 15.44 -4.67 18.79
N ALA B 314 16.41 -4.06 19.49
CA ALA B 314 17.83 -4.40 19.36
C ALA B 314 18.08 -5.85 19.78
N LEU B 315 17.47 -6.25 20.91
CA LEU B 315 17.60 -7.59 21.50
C LEU B 315 17.00 -8.70 20.63
N ILE B 316 15.86 -8.44 19.98
CA ILE B 316 15.22 -9.43 19.11
C ILE B 316 15.99 -9.55 17.79
N ASN B 317 16.63 -8.45 17.33
CA ASN B 317 17.39 -8.44 16.08
C ASN B 317 18.74 -9.15 16.22
N THR B 318 19.33 -9.16 17.43
CA THR B 318 20.67 -9.71 17.66
C THR B 318 20.77 -10.96 18.56
N GLY B 319 19.69 -11.31 19.23
CA GLY B 319 19.68 -12.46 20.15
C GLY B 319 19.79 -13.81 19.49
N ASP B 320 20.23 -14.82 20.28
CA ASP B 320 20.33 -16.23 19.87
C ASP B 320 19.18 -16.98 20.53
N PHE B 321 18.26 -17.53 19.70
CA PHE B 321 17.07 -18.22 20.20
C PHE B 321 16.99 -19.67 19.78
N GLN B 322 18.16 -20.27 19.47
CA GLN B 322 18.32 -21.65 19.00
C GLN B 322 17.55 -22.71 19.81
N ASP B 323 17.72 -22.73 21.13
CA ASP B 323 17.02 -23.75 21.92
C ASP B 323 15.70 -23.22 22.55
N LEU B 324 14.94 -22.43 21.77
CA LEU B 324 13.68 -21.84 22.23
C LEU B 324 12.47 -22.19 21.36
N GLN B 325 11.34 -22.54 21.99
CA GLN B 325 10.07 -22.82 21.34
C GLN B 325 9.08 -21.74 21.77
N VAL B 326 8.41 -21.13 20.81
CA VAL B 326 7.48 -20.03 21.04
C VAL B 326 6.19 -20.21 20.26
N LEU B 327 5.06 -19.94 20.90
CA LEU B 327 3.74 -19.92 20.31
C LEU B 327 3.29 -18.45 20.39
N VAL B 328 2.98 -17.85 19.22
CA VAL B 328 2.59 -16.44 19.10
C VAL B 328 1.31 -16.32 18.29
N GLY B 329 0.53 -15.28 18.55
CA GLY B 329 -0.65 -15.06 17.77
C GLY B 329 -1.46 -13.85 18.15
N VAL B 330 -2.52 -13.62 17.35
CA VAL B 330 -3.40 -12.46 17.46
C VAL B 330 -4.87 -12.88 17.37
N VAL B 331 -5.79 -11.97 17.78
CA VAL B 331 -7.25 -12.08 17.64
C VAL B 331 -7.64 -11.33 16.33
N LYS B 332 -8.86 -11.58 15.80
CA LYS B 332 -9.33 -11.00 14.54
C LYS B 332 -9.42 -9.47 14.57
N ASP B 333 -9.82 -8.91 15.73
CA ASP B 333 -10.04 -7.46 15.89
C ASP B 333 -9.31 -6.87 17.09
N GLU B 334 -7.98 -6.91 17.03
CA GLU B 334 -7.06 -6.41 18.05
C GLU B 334 -7.35 -4.99 18.55
N GLY B 335 -7.58 -4.05 17.64
CA GLY B 335 -7.77 -2.67 18.04
C GLY B 335 -9.17 -2.16 18.23
N SER B 336 -10.19 -3.01 18.10
CA SER B 336 -11.58 -2.59 18.13
C SER B 336 -12.04 -1.94 19.45
N TYR B 337 -11.74 -2.54 20.61
CA TYR B 337 -12.23 -1.99 21.87
C TYR B 337 -11.53 -0.69 22.28
N PHE B 338 -10.24 -0.52 21.93
CA PHE B 338 -9.43 0.66 22.25
C PHE B 338 -10.06 1.97 21.78
N LEU B 339 -10.84 1.91 20.71
CA LEU B 339 -11.50 3.05 20.10
C LEU B 339 -12.60 3.68 20.96
N VAL B 340 -13.31 2.88 21.79
CA VAL B 340 -14.40 3.39 22.65
C VAL B 340 -13.79 4.16 23.87
N TYR B 341 -12.48 3.96 24.11
CA TYR B 341 -11.74 4.58 25.21
C TYR B 341 -11.04 5.91 24.86
N GLY B 342 -11.33 6.50 23.70
CA GLY B 342 -10.68 7.76 23.38
C GLY B 342 -10.77 8.32 21.98
N VAL B 343 -11.34 7.56 21.01
CA VAL B 343 -11.47 8.06 19.64
C VAL B 343 -12.87 8.62 19.45
N PRO B 344 -13.04 9.94 19.18
CA PRO B 344 -14.40 10.48 18.99
C PRO B 344 -15.14 9.81 17.85
N GLY B 345 -16.43 9.55 18.09
CA GLY B 345 -17.33 8.91 17.13
C GLY B 345 -17.57 7.45 17.42
N PHE B 346 -16.76 6.86 18.33
CA PHE B 346 -16.82 5.45 18.73
C PHE B 346 -17.57 5.23 20.02
N SER B 347 -18.41 4.16 20.05
CA SER B 347 -19.27 3.78 21.17
C SER B 347 -19.63 2.30 21.06
N LYS B 348 -19.84 1.65 22.23
CA LYS B 348 -20.31 0.26 22.27
C LYS B 348 -21.81 0.20 21.99
N ASP B 349 -22.50 1.34 22.17
CA ASP B 349 -23.93 1.47 22.12
C ASP B 349 -24.49 1.87 20.75
N ASN B 350 -23.61 2.27 19.81
CA ASN B 350 -24.00 2.55 18.43
C ASN B 350 -23.04 1.80 17.47
N GLU B 351 -23.40 1.75 16.19
CA GLU B 351 -22.65 1.08 15.14
C GLU B 351 -21.28 1.69 14.83
N SER B 352 -21.00 2.88 15.41
CA SER B 352 -19.76 3.67 15.28
C SER B 352 -19.38 3.95 13.83
N LEU B 353 -20.36 4.39 13.05
CA LEU B 353 -20.10 4.74 11.66
C LEU B 353 -19.51 6.15 11.63
N ILE B 354 -18.24 6.25 11.24
CA ILE B 354 -17.47 7.49 11.27
C ILE B 354 -17.29 8.12 9.90
N SER B 355 -17.10 9.44 9.92
CA SER B 355 -16.79 10.28 8.77
C SER B 355 -15.28 10.18 8.51
N ARG B 356 -14.84 10.71 7.36
CA ARG B 356 -13.45 10.77 6.96
C ARG B 356 -12.65 11.61 7.97
N ALA B 357 -13.16 12.82 8.29
CA ALA B 357 -12.55 13.79 9.20
C ALA B 357 -12.27 13.18 10.55
N GLN B 358 -13.20 12.32 11.03
CA GLN B 358 -13.13 11.58 12.30
C GLN B 358 -12.07 10.49 12.20
N PHE B 359 -11.91 9.87 11.01
CA PHE B 359 -10.91 8.83 10.78
C PHE B 359 -9.51 9.46 10.83
N LEU B 360 -9.31 10.65 10.18
CA LEU B 360 -8.01 11.35 10.16
C LEU B 360 -7.62 11.74 11.59
N ALA B 361 -8.61 12.26 12.36
CA ALA B 361 -8.44 12.65 13.77
C ALA B 361 -8.07 11.45 14.62
N GLY B 362 -8.75 10.32 14.38
CA GLY B 362 -8.51 9.07 15.10
C GLY B 362 -7.13 8.50 14.86
N VAL B 363 -6.57 8.72 13.64
CA VAL B 363 -5.23 8.24 13.29
C VAL B 363 -4.16 8.97 14.13
N ARG B 364 -4.35 10.28 14.43
CA ARG B 364 -3.42 11.05 15.26
C ARG B 364 -3.40 10.56 16.68
N ILE B 365 -4.55 10.00 17.15
CA ILE B 365 -4.74 9.45 18.50
C ILE B 365 -4.17 8.02 18.55
N GLY B 366 -4.47 7.24 17.50
CA GLY B 366 -4.05 5.85 17.36
C GLY B 366 -2.56 5.69 17.13
N VAL B 367 -1.94 6.62 16.39
CA VAL B 367 -0.50 6.62 16.14
C VAL B 367 -0.01 7.98 16.69
N PRO B 368 0.07 8.15 18.05
CA PRO B 368 0.41 9.47 18.62
C PRO B 368 1.80 9.97 18.34
N GLN B 369 2.73 9.04 18.08
CA GLN B 369 4.11 9.39 17.82
CA GLN B 369 4.13 9.33 17.79
C GLN B 369 4.31 9.92 16.39
N ALA B 370 3.35 9.63 15.46
CA ALA B 370 3.37 9.99 14.04
C ALA B 370 3.29 11.46 13.72
N SER B 371 4.19 11.88 12.80
CA SER B 371 4.30 13.20 12.22
C SER B 371 3.14 13.38 11.23
N ASP B 372 2.95 14.60 10.69
CA ASP B 372 1.91 14.88 9.72
C ASP B 372 2.03 13.99 8.48
N LEU B 373 3.28 13.77 8.01
CA LEU B 373 3.61 12.95 6.86
C LEU B 373 3.37 11.47 7.13
N ALA B 374 3.77 11.00 8.32
CA ALA B 374 3.60 9.62 8.73
C ALA B 374 2.13 9.28 8.87
N ALA B 375 1.33 10.20 9.45
CA ALA B 375 -0.12 10.00 9.63
C ALA B 375 -0.82 10.04 8.29
N GLU B 376 -0.32 10.84 7.35
CA GLU B 376 -0.83 10.90 5.98
C GLU B 376 -0.55 9.56 5.29
N ALA B 377 0.66 8.98 5.49
CA ALA B 377 1.04 7.69 4.93
C ALA B 377 0.09 6.59 5.45
N VAL B 378 -0.30 6.67 6.74
CA VAL B 378 -1.20 5.71 7.39
C VAL B 378 -2.61 5.82 6.78
N VAL B 379 -3.14 7.05 6.71
CA VAL B 379 -4.46 7.35 6.14
C VAL B 379 -4.54 6.89 4.66
N LEU B 380 -3.51 7.16 3.89
CA LEU B 380 -3.52 6.80 2.50
C LEU B 380 -3.45 5.29 2.28
N HIS B 381 -2.75 4.58 3.17
CA HIS B 381 -2.65 3.12 3.13
C HIS B 381 -3.95 2.42 3.56
N TYR B 382 -4.62 2.95 4.59
CA TYR B 382 -5.82 2.30 5.12
C TYR B 382 -7.12 2.73 4.48
N THR B 383 -7.09 3.79 3.65
CA THR B 383 -8.27 4.22 2.91
C THR B 383 -8.53 3.21 1.77
N ASP B 384 -9.81 2.88 1.57
CA ASP B 384 -10.28 2.07 0.45
C ASP B 384 -10.61 3.12 -0.61
N TRP B 385 -9.77 3.25 -1.63
CA TRP B 385 -9.95 4.31 -2.62
C TRP B 385 -11.15 4.06 -3.55
N LEU B 386 -11.82 2.89 -3.45
CA LEU B 386 -13.06 2.63 -4.20
C LEU B 386 -14.24 3.30 -3.44
N HIS B 387 -14.22 3.19 -2.10
CA HIS B 387 -15.22 3.71 -1.15
C HIS B 387 -14.46 4.51 -0.05
N PRO B 388 -13.85 5.67 -0.38
CA PRO B 388 -13.03 6.38 0.63
C PRO B 388 -13.80 7.17 1.69
N GLU B 389 -15.11 7.30 1.52
CA GLU B 389 -15.91 8.06 2.47
C GLU B 389 -16.90 7.15 3.18
N ASP B 390 -16.91 5.83 2.82
CA ASP B 390 -17.80 4.83 3.39
C ASP B 390 -17.54 4.69 4.89
N PRO B 391 -18.58 5.04 5.71
CA PRO B 391 -18.44 4.98 7.17
C PRO B 391 -18.06 3.64 7.77
N THR B 392 -18.51 2.51 7.19
CA THR B 392 -18.19 1.17 7.66
C THR B 392 -16.71 0.86 7.42
N HIS B 393 -16.18 1.15 6.20
CA HIS B 393 -14.77 0.95 5.86
C HIS B 393 -13.90 1.77 6.77
N LEU B 394 -14.26 3.06 6.97
CA LEU B 394 -13.54 4.00 7.83
C LEU B 394 -13.50 3.54 9.29
N ARG B 395 -14.64 3.02 9.78
CA ARG B 395 -14.73 2.47 11.13
C ARG B 395 -13.78 1.28 11.26
N ASP B 396 -13.84 0.30 10.35
CA ASP B 396 -13.02 -0.91 10.38
C ASP B 396 -11.55 -0.65 10.11
N ALA B 397 -11.25 0.40 9.33
CA ALA B 397 -9.88 0.80 9.02
C ALA B 397 -9.23 1.42 10.25
N MET B 398 -10.04 2.15 11.07
CA MET B 398 -9.59 2.73 12.33
C MET B 398 -9.22 1.62 13.32
N SER B 399 -10.01 0.52 13.35
CA SER B 399 -9.73 -0.62 14.21
C SER B 399 -8.42 -1.30 13.76
N ALA B 400 -8.27 -1.49 12.44
CA ALA B 400 -7.11 -2.10 11.81
C ALA B 400 -5.84 -1.29 12.05
N VAL B 401 -5.93 0.05 12.04
CA VAL B 401 -4.77 0.92 12.29
C VAL B 401 -4.22 0.64 13.70
N VAL B 402 -5.10 0.64 14.71
CA VAL B 402 -4.74 0.45 16.10
C VAL B 402 -4.20 -0.96 16.37
N GLY B 403 -4.86 -2.00 15.87
CA GLY B 403 -4.42 -3.37 16.11
C GLY B 403 -3.16 -3.75 15.35
N ASP B 404 -2.98 -3.20 14.13
CA ASP B 404 -1.80 -3.51 13.31
C ASP B 404 -0.59 -2.86 13.87
N HIS B 405 -0.71 -1.55 14.19
CA HIS B 405 0.37 -0.74 14.74
C HIS B 405 0.86 -1.31 16.06
N ASN B 406 -0.08 -1.61 16.98
CA ASN B 406 0.20 -2.06 18.32
C ASN B 406 0.39 -3.55 18.52
N VAL B 407 -0.32 -4.40 17.75
CA VAL B 407 -0.24 -5.84 18.02
C VAL B 407 0.25 -6.69 16.82
N VAL B 408 -0.54 -6.74 15.72
CA VAL B 408 -0.34 -7.64 14.59
C VAL B 408 1.05 -7.52 13.98
N CYS B 409 1.51 -6.29 13.75
CA CYS B 409 2.78 -6.12 13.11
C CYS B 409 3.93 -6.24 14.08
N PRO B 410 3.89 -5.76 15.34
CA PRO B 410 4.93 -6.16 16.32
C PRO B 410 5.03 -7.71 16.47
N VAL B 411 3.87 -8.43 16.48
CA VAL B 411 3.83 -9.90 16.56
C VAL B 411 4.53 -10.53 15.32
N ALA B 412 4.24 -9.97 14.11
CA ALA B 412 4.77 -10.42 12.83
C ALA B 412 6.31 -10.26 12.79
N GLN B 413 6.77 -9.13 13.37
CA GLN B 413 8.14 -8.70 13.53
C GLN B 413 8.87 -9.64 14.51
N LEU B 414 8.25 -9.94 15.68
CA LEU B 414 8.83 -10.85 16.64
C LEU B 414 8.96 -12.28 16.09
N ALA B 415 7.86 -12.80 15.52
CA ALA B 415 7.79 -14.12 14.90
C ALA B 415 8.91 -14.35 13.91
N GLY B 416 9.10 -13.40 12.98
CA GLY B 416 10.13 -13.41 11.96
C GLY B 416 11.53 -13.38 12.51
N ARG B 417 11.81 -12.44 13.45
CA ARG B 417 13.14 -12.34 14.05
C ARG B 417 13.51 -13.59 14.84
N LEU B 418 12.57 -14.08 15.69
CA LEU B 418 12.78 -15.33 16.45
C LEU B 418 13.08 -16.54 15.51
N ALA B 419 12.26 -16.69 14.46
CA ALA B 419 12.38 -17.76 13.46
C ALA B 419 13.76 -17.72 12.78
N ALA B 420 14.18 -16.54 12.27
CA ALA B 420 15.47 -16.29 11.62
C ALA B 420 16.64 -16.55 12.58
N GLN B 421 16.42 -16.34 13.89
CA GLN B 421 17.47 -16.52 14.88
C GLN B 421 17.40 -17.80 15.71
N GLY B 422 16.92 -18.88 15.09
CA GLY B 422 16.92 -20.24 15.63
C GLY B 422 15.74 -20.76 16.43
N ALA B 423 14.77 -19.92 16.78
CA ALA B 423 13.62 -20.40 17.55
C ALA B 423 12.66 -21.24 16.70
N ARG B 424 11.92 -22.11 17.38
CA ARG B 424 10.85 -22.89 16.79
C ARG B 424 9.60 -22.06 17.12
N VAL B 425 8.97 -21.47 16.10
CA VAL B 425 7.81 -20.57 16.25
C VAL B 425 6.58 -21.21 15.63
N TYR B 426 5.42 -21.07 16.30
CA TYR B 426 4.10 -21.49 15.82
C TYR B 426 3.24 -20.24 15.96
N ALA B 427 2.60 -19.82 14.88
CA ALA B 427 1.77 -18.62 14.89
C ALA B 427 0.33 -18.94 14.59
N TYR B 428 -0.59 -18.12 15.13
CA TYR B 428 -2.03 -18.32 14.91
C TYR B 428 -2.81 -17.00 14.76
N ILE B 429 -4.04 -17.12 14.25
CA ILE B 429 -5.01 -16.05 14.21
C ILE B 429 -6.27 -16.61 14.83
N PHE B 430 -6.73 -15.99 15.92
CA PHE B 430 -7.93 -16.46 16.63
C PHE B 430 -9.11 -15.66 16.09
N GLU B 431 -10.03 -16.34 15.41
CA GLU B 431 -11.14 -15.68 14.71
C GLU B 431 -12.52 -16.01 15.23
N HIS B 432 -12.62 -16.73 16.35
CA HIS B 432 -13.96 -17.06 16.85
C HIS B 432 -14.49 -16.02 17.86
N ARG B 433 -15.68 -15.46 17.59
CA ARG B 433 -16.36 -14.52 18.49
C ARG B 433 -17.27 -15.31 19.45
N ALA B 434 -17.05 -15.17 20.77
CA ALA B 434 -17.85 -15.89 21.77
C ALA B 434 -19.33 -15.56 21.60
N SER B 435 -20.18 -16.61 21.61
CA SER B 435 -21.63 -16.51 21.49
C SER B 435 -22.19 -15.64 22.62
N THR B 436 -21.48 -15.65 23.77
CA THR B 436 -21.81 -14.96 25.02
C THR B 436 -21.39 -13.46 25.06
N LEU B 437 -20.52 -13.02 24.12
CA LEU B 437 -20.00 -11.65 24.04
C LEU B 437 -21.08 -10.56 24.05
N THR B 438 -20.87 -9.51 24.87
CA THR B 438 -21.82 -8.39 25.06
C THR B 438 -21.39 -7.10 24.38
N TRP B 439 -20.14 -7.05 23.89
CA TRP B 439 -19.63 -5.92 23.12
C TRP B 439 -20.34 -5.94 21.77
N PRO B 440 -20.54 -4.80 21.08
CA PRO B 440 -21.23 -4.83 19.78
C PRO B 440 -20.56 -5.73 18.73
N LEU B 441 -21.34 -6.16 17.73
CA LEU B 441 -20.88 -6.99 16.63
C LEU B 441 -19.73 -6.38 15.84
N TRP B 442 -19.72 -5.03 15.74
CA TRP B 442 -18.71 -4.30 15.00
C TRP B 442 -17.31 -4.48 15.60
N MET B 443 -17.22 -4.80 16.90
CA MET B 443 -15.94 -5.01 17.59
C MET B 443 -15.31 -6.35 17.22
N GLY B 444 -16.08 -7.22 16.58
CA GLY B 444 -15.63 -8.52 16.10
C GLY B 444 -15.15 -9.41 17.21
N VAL B 445 -13.89 -9.89 17.11
CA VAL B 445 -13.23 -10.70 18.13
C VAL B 445 -12.26 -9.71 18.83
N PRO B 446 -12.70 -9.00 19.91
CA PRO B 446 -11.81 -8.02 20.53
C PRO B 446 -10.61 -8.65 21.23
N HIS B 447 -9.66 -7.79 21.60
CA HIS B 447 -8.43 -8.05 22.33
C HIS B 447 -8.80 -8.68 23.68
N GLY B 448 -8.27 -9.89 23.92
CA GLY B 448 -8.47 -10.64 25.16
C GLY B 448 -9.60 -11.64 25.18
N TYR B 449 -10.42 -11.73 24.09
CA TYR B 449 -11.56 -12.64 24.14
C TYR B 449 -11.29 -14.07 23.60
N GLU B 450 -10.01 -14.46 23.54
CA GLU B 450 -9.63 -15.83 23.22
C GLU B 450 -9.30 -16.54 24.53
N ILE B 451 -8.97 -15.77 25.59
CA ILE B 451 -8.48 -16.27 26.87
C ILE B 451 -9.41 -17.29 27.47
N GLU B 452 -10.71 -16.95 27.60
CA GLU B 452 -11.73 -17.84 28.16
C GLU B 452 -11.79 -19.22 27.47
N PHE B 453 -11.43 -19.28 26.15
CA PHE B 453 -11.36 -20.50 25.36
C PHE B 453 -10.12 -21.34 25.70
N ILE B 454 -8.94 -20.72 25.81
CA ILE B 454 -7.65 -21.33 26.19
C ILE B 454 -7.75 -21.91 27.62
N PHE B 455 -8.39 -21.15 28.55
CA PHE B 455 -8.55 -21.59 29.94
C PHE B 455 -9.64 -22.67 30.08
N GLY B 456 -10.47 -22.85 29.05
CA GLY B 456 -11.51 -23.87 28.99
C GLY B 456 -12.81 -23.56 29.69
N LEU B 457 -13.15 -22.27 29.81
CA LEU B 457 -14.39 -21.86 30.47
C LEU B 457 -15.64 -22.41 29.79
N PRO B 458 -15.71 -22.53 28.43
CA PRO B 458 -16.90 -23.15 27.82
C PRO B 458 -17.35 -24.51 28.38
N LEU B 459 -16.40 -25.25 29.01
CA LEU B 459 -16.62 -26.56 29.66
C LEU B 459 -17.55 -26.50 30.87
N ASP B 460 -17.74 -25.31 31.46
CA ASP B 460 -18.67 -25.10 32.55
C ASP B 460 -20.05 -24.87 31.90
N PRO B 461 -21.01 -25.81 32.10
CA PRO B 461 -22.33 -25.66 31.46
C PRO B 461 -23.10 -24.42 31.90
N SER B 462 -22.86 -23.96 33.14
CA SER B 462 -23.53 -22.80 33.75
C SER B 462 -23.23 -21.49 33.01
N LEU B 463 -22.11 -21.43 32.23
CA LEU B 463 -21.67 -20.26 31.48
C LEU B 463 -22.38 -20.06 30.13
N ASN B 464 -23.26 -21.01 29.76
CA ASN B 464 -24.15 -20.99 28.60
C ASN B 464 -23.44 -20.81 27.21
N TYR B 465 -22.23 -21.38 27.03
CA TYR B 465 -21.54 -21.41 25.73
C TYR B 465 -22.18 -22.53 24.90
N THR B 466 -22.00 -22.53 23.57
CA THR B 466 -22.54 -23.59 22.71
C THR B 466 -21.73 -24.89 22.82
N THR B 467 -22.28 -26.00 22.28
CA THR B 467 -21.64 -27.30 22.22
C THR B 467 -20.36 -27.22 21.37
N GLU B 468 -20.41 -26.48 20.25
CA GLU B 468 -19.27 -26.30 19.34
C GLU B 468 -18.14 -25.58 20.04
N GLU B 469 -18.48 -24.59 20.89
CA GLU B 469 -17.55 -23.78 21.68
C GLU B 469 -16.84 -24.62 22.74
N ARG B 470 -17.56 -25.59 23.34
CA ARG B 470 -17.04 -26.53 24.32
C ARG B 470 -16.02 -27.46 23.62
N ILE B 471 -16.34 -27.97 22.41
CA ILE B 471 -15.45 -28.84 21.58
C ILE B 471 -14.20 -28.02 21.13
N PHE B 472 -14.42 -26.75 20.79
CA PHE B 472 -13.39 -25.82 20.35
C PHE B 472 -12.44 -25.46 21.49
N ALA B 473 -12.99 -25.19 22.71
CA ALA B 473 -12.20 -24.90 23.90
C ALA B 473 -11.27 -26.09 24.21
N GLN B 474 -11.79 -27.32 24.05
CA GLN B 474 -11.06 -28.57 24.28
C GLN B 474 -9.88 -28.72 23.33
N ARG B 475 -10.08 -28.32 22.06
CA ARG B 475 -9.07 -28.32 21.00
C ARG B 475 -7.91 -27.40 21.38
N LEU B 476 -8.24 -26.18 21.84
CA LEU B 476 -7.30 -25.14 22.24
C LEU B 476 -6.47 -25.52 23.44
N MET B 477 -7.12 -26.08 24.46
CA MET B 477 -6.49 -26.60 25.67
C MET B 477 -5.46 -27.66 25.31
N LYS B 478 -5.77 -28.54 24.36
CA LYS B 478 -4.85 -29.56 23.83
C LYS B 478 -3.66 -28.91 23.07
N TYR B 479 -3.90 -27.89 22.21
CA TYR B 479 -2.80 -27.24 21.47
C TYR B 479 -1.81 -26.63 22.45
N TRP B 480 -2.33 -25.85 23.41
CA TRP B 480 -1.56 -25.17 24.43
C TRP B 480 -0.77 -26.13 25.34
N THR B 481 -1.42 -27.20 25.82
CA THR B 481 -0.75 -28.16 26.70
C THR B 481 0.20 -29.09 25.93
N ASN B 482 -0.08 -29.38 24.65
CA ASN B 482 0.85 -30.18 23.85
C ASN B 482 2.10 -29.36 23.63
N PHE B 483 1.89 -28.04 23.42
CA PHE B 483 2.98 -27.09 23.30
C PHE B 483 3.78 -27.04 24.60
N ALA B 484 3.11 -26.92 25.77
CA ALA B 484 3.79 -26.93 27.08
C ALA B 484 4.57 -28.24 27.29
N ARG B 485 3.97 -29.36 26.89
CA ARG B 485 4.57 -30.69 27.04
C ARG B 485 5.79 -30.91 26.17
N THR B 486 5.68 -30.58 24.88
CA THR B 486 6.66 -30.92 23.86
C THR B 486 7.33 -29.75 23.09
N GLY B 487 6.72 -28.57 23.10
CA GLY B 487 7.19 -27.43 22.31
C GLY B 487 6.61 -27.44 20.91
N ASP B 488 5.58 -28.26 20.70
CA ASP B 488 4.87 -28.52 19.45
C ASP B 488 3.37 -28.61 19.81
N PRO B 489 2.48 -27.78 19.21
CA PRO B 489 1.05 -27.84 19.61
C PRO B 489 0.27 -29.01 19.00
N ASN B 490 0.94 -29.80 18.17
CA ASN B 490 0.34 -30.94 17.48
C ASN B 490 0.31 -32.15 18.37
N ASP B 491 -0.77 -32.92 18.23
CA ASP B 491 -0.99 -34.14 19.00
C ASP B 491 -0.21 -35.28 18.34
N PRO B 492 0.67 -35.99 19.09
CA PRO B 492 1.42 -37.11 18.48
C PRO B 492 0.56 -38.34 18.22
N ARG B 493 -0.66 -38.42 18.83
CA ARG B 493 -1.62 -39.52 18.66
C ARG B 493 -2.46 -39.33 17.38
N ASP B 494 -2.98 -38.08 17.22
CA ASP B 494 -3.79 -37.63 16.10
C ASP B 494 -2.97 -37.75 14.82
N SER B 495 -3.52 -38.49 13.86
CA SER B 495 -2.89 -38.78 12.58
C SER B 495 -3.67 -38.20 11.36
N LYS B 496 -4.90 -37.71 11.60
CA LYS B 496 -5.77 -37.00 10.65
C LYS B 496 -5.97 -35.69 11.38
N SER B 497 -5.34 -34.61 10.86
CA SER B 497 -5.30 -33.35 11.60
C SER B 497 -6.08 -32.13 10.93
N PRO B 498 -5.59 -31.21 10.03
CA PRO B 498 -4.24 -31.07 9.43
C PRO B 498 -3.29 -30.48 10.47
N GLN B 499 -2.00 -30.70 10.23
CA GLN B 499 -0.92 -30.29 11.12
C GLN B 499 -0.73 -28.79 11.18
N TRP B 500 -0.34 -28.32 12.35
CA TRP B 500 0.01 -26.92 12.58
C TRP B 500 1.50 -26.81 12.22
N PRO B 501 1.84 -26.09 11.13
CA PRO B 501 3.25 -25.99 10.75
C PRO B 501 4.00 -24.89 11.49
N PRO B 502 5.32 -25.06 11.69
CA PRO B 502 6.10 -23.97 12.28
C PRO B 502 6.10 -22.76 11.33
N TYR B 503 6.11 -21.57 11.91
CA TYR B 503 6.18 -20.31 11.19
C TYR B 503 7.64 -20.13 10.81
N THR B 504 7.89 -19.76 9.55
CA THR B 504 9.25 -19.58 9.05
C THR B 504 9.32 -18.28 8.27
N THR B 505 10.53 -17.70 8.12
CA THR B 505 10.71 -16.47 7.36
C THR B 505 10.37 -16.71 5.90
N ALA B 506 10.77 -17.90 5.38
CA ALA B 506 10.54 -18.29 3.99
C ALA B 506 9.06 -18.50 3.63
N ALA B 507 8.33 -19.34 4.41
CA ALA B 507 6.94 -19.71 4.13
C ALA B 507 5.88 -18.89 4.88
N GLN B 508 6.26 -18.21 5.96
CA GLN B 508 5.40 -17.37 6.81
C GLN B 508 4.03 -18.00 7.17
N GLN B 509 4.04 -19.31 7.44
CA GLN B 509 2.86 -20.10 7.76
C GLN B 509 2.30 -19.91 9.18
N TYR B 510 0.99 -19.67 9.27
CA TYR B 510 0.24 -19.55 10.52
C TYR B 510 -1.12 -20.24 10.32
N VAL B 511 -1.85 -20.49 11.39
CA VAL B 511 -3.14 -21.17 11.28
C VAL B 511 -4.30 -20.33 11.79
N SER B 512 -5.49 -20.62 11.30
CA SER B 512 -6.71 -20.00 11.78
C SER B 512 -7.25 -20.89 12.91
N LEU B 513 -7.58 -20.26 14.05
CA LEU B 513 -8.20 -20.95 15.17
C LEU B 513 -9.64 -20.42 15.21
N ASN B 514 -10.57 -21.28 14.80
CA ASN B 514 -12.02 -21.02 14.74
C ASN B 514 -12.72 -22.35 14.87
N LEU B 515 -14.08 -22.35 14.75
CA LEU B 515 -14.89 -23.55 14.86
C LEU B 515 -14.59 -24.59 13.78
N LYS B 516 -14.07 -24.17 12.64
CA LYS B 516 -13.75 -25.09 11.56
C LYS B 516 -12.40 -25.76 11.85
N PRO B 517 -12.04 -26.90 11.22
CA PRO B 517 -10.70 -27.47 11.47
C PRO B 517 -9.57 -26.51 11.08
N LEU B 518 -8.38 -26.73 11.63
CA LEU B 518 -7.21 -25.90 11.31
C LEU B 518 -7.08 -25.65 9.81
N GLU B 519 -6.85 -24.39 9.45
CA GLU B 519 -6.59 -23.96 8.08
C GLU B 519 -5.22 -23.24 8.12
N VAL B 520 -4.32 -23.57 7.19
CA VAL B 520 -2.98 -22.99 7.09
C VAL B 520 -2.99 -21.80 6.13
N ARG B 521 -2.53 -20.66 6.60
CA ARG B 521 -2.43 -19.43 5.81
C ARG B 521 -0.97 -18.98 5.75
N ARG B 522 -0.61 -18.19 4.77
CA ARG B 522 0.76 -17.73 4.64
C ARG B 522 0.80 -16.23 4.62
N GLY B 523 1.70 -15.67 5.39
CA GLY B 523 1.89 -14.23 5.46
C GLY B 523 0.90 -13.60 6.41
N LEU B 524 1.41 -13.17 7.54
CA LEU B 524 0.64 -12.52 8.59
C LEU B 524 0.58 -11.03 8.24
N ARG B 525 -0.50 -10.63 7.51
CA ARG B 525 -0.75 -9.24 7.06
C ARG B 525 0.55 -8.66 6.44
N ALA B 526 1.23 -9.49 5.60
CA ALA B 526 2.58 -9.26 5.05
C ALA B 526 2.79 -7.89 4.44
N GLN B 527 1.92 -7.44 3.51
CA GLN B 527 2.05 -6.13 2.84
C GLN B 527 1.93 -4.97 3.81
N THR B 528 0.87 -4.97 4.64
CA THR B 528 0.59 -3.96 5.66
C THR B 528 1.68 -3.91 6.73
N CYS B 529 2.20 -5.07 7.13
CA CYS B 529 3.25 -5.05 8.16
C CYS B 529 4.60 -4.63 7.58
N ALA B 530 4.81 -4.77 6.28
CA ALA B 530 6.03 -4.23 5.64
C ALA B 530 5.94 -2.69 5.72
N PHE B 531 4.71 -2.14 5.64
CA PHE B 531 4.45 -0.72 5.80
C PHE B 531 4.90 -0.24 7.18
N TRP B 532 4.39 -0.88 8.25
CA TRP B 532 4.72 -0.51 9.64
C TRP B 532 6.13 -0.83 10.06
N ASN B 533 6.59 -2.03 9.72
CA ASN B 533 7.90 -2.55 10.16
C ASN B 533 9.07 -2.10 9.29
N ARG B 534 8.86 -1.88 8.00
CA ARG B 534 9.95 -1.47 7.12
C ARG B 534 9.88 -0.01 6.68
N PHE B 535 8.69 0.46 6.30
CA PHE B 535 8.61 1.82 5.76
C PHE B 535 8.53 2.90 6.83
N LEU B 536 7.48 2.89 7.67
CA LEU B 536 7.29 3.91 8.69
C LEU B 536 8.55 4.23 9.53
N PRO B 537 9.40 3.26 9.98
CA PRO B 537 10.62 3.64 10.71
C PRO B 537 11.52 4.55 9.87
N LYS B 538 11.72 4.24 8.56
CA LYS B 538 12.53 5.04 7.62
C LYS B 538 11.93 6.43 7.41
N LEU B 539 10.62 6.56 7.62
CA LEU B 539 9.93 7.83 7.49
C LEU B 539 10.15 8.69 8.72
N LEU B 540 10.21 8.07 9.90
CA LEU B 540 10.47 8.79 11.15
C LEU B 540 11.98 8.97 11.46
N SER B 541 12.86 8.17 10.80
CA SER B 541 14.33 8.24 10.91
C SER B 541 14.91 9.37 10.05
N ALA B 542 14.12 9.83 9.04
CA ALA B 542 14.44 10.94 8.13
C ALA B 542 13.57 12.19 8.53
N THR B 543 13.35 12.31 9.87
CA THR B 543 12.60 13.35 10.60
C THR B 543 13.44 13.88 11.80
#